data_8BWO
#
_entry.id   8BWO
#
_cell.length_a   1.00
_cell.length_b   1.00
_cell.length_c   1.00
_cell.angle_alpha   90.00
_cell.angle_beta   90.00
_cell.angle_gamma   90.00
#
_symmetry.space_group_name_H-M   'P 1'
#
loop_
_entity.id
_entity.type
_entity.pdbx_description
1 polymer 'ATP-binding cassette sub-family C member 4'
2 non-polymer "ADENOSINE-5'-TRIPHOSPHATE"
3 non-polymer 'MAGNESIUM ION'
#
_entity_poly.entity_id   1
_entity_poly.type   'polypeptide(L)'
_entity_poly.pdbx_seq_one_letter_code
;MLPVYQEVKPNPLQDANLCSRVFFWWLNPLFKIGHKRRLEEDDMYSVLPEDRSQHLGEELQGFWDKEVLRAENDAQKPSL
TRAIIKCYWKSYLVLGIFTLIEESAKVIQPIFLGKIINYFENYDPMDSVALNTAYAYATVLTFCTLILAILHHLYFYHVQ
CAGMRLRVAMCHMIYRKALRLSNMAMGKTTTGQIVNLLSNDVNKFDQVTVFLHFLWAGPLQAIAVTALLWMEIGISCLAG
MAVLIILLPLQSCFGKLFSSLRSKTATFTDARIRTMNEVITGIRIIKMYAWEKSFSNLITNLRKKEISKILRSSCLRGMN
LASFFSASKIIVFVTFTTYVLLGSVITASRVFVAVTLYGAVRLTVTLFFPSAIERVSEAIVSIRRIQTFLLLDEISQRNR
QLPSDGKKMVHVQDFTAFWDKASETPTLQGLSFTVRPGELLAVVGPVGAGKSSLLSAVLGELAPSHGLVSVHGRIAYVSQ
QPWVFSGTLRSNILFGKKYEKERYEKVIKACALKKDLQLLEDGDLTVIGDRGTTLSGGQKARVNLARAVYQDADIYLLDD
PLSAVDAEVSRHLFELCICQILHEKITILVTHQLQYLKAASQILILKDGKMVQKGTYTEFLKSGIDFGSLLKKDNEESEQ
PPVPGTPTLRNRTFSESSVWSQQSSRPSLKDGALESQDTENVPVTLSEENRSEGKVGFQAYKNYFRAGAHWIVFIFLILL
NTAAQVAYVLQDWWLSYWANKQSMLNVTVNGGGNVTEKLDLNWYLGIYSGLTVATVLFGIARSLLVFYVLVNSSQTLHNK
MFESILKAPVLFFDRNPIGRILNRFSKDIGHLDDLLPLTFLDFIQTLLQVVGVVSVAVAVIPWIAIPLVPLGIIFIFLRR
YFLETSRDVKRLESTTRSPVFSHLSSSLQGLWTIRAYKAEERCQELFDAHQDLHSEAWFLFLTTSRWFAVRLDAICAMFV
IIVAFGSLILAKTLDAGQVGLALSYALTLMGMFQWCVRQSAEVENMMISVERVIEYTDLEKEAPWEYQKRPPPAWPHEGV
IIFDNVNFMYSPGGPLVLKHLTALIKSQEKVGIVGRTGAGKSSLISALFRLSEPEGKIWIDKILTTEIGLHDLRKKMSII
PQEPVLFTGTMRKNLDPFNEHTDEELWNALQEVQLKETIEDLPGKMDTELAESGSNFSVGQRQLVCLARAILRKNQILII
DQATANVDPRTDELIQKKIREKFAHCTVLTIAHRLNTIIDSDKIMVLDSGRLKEYDEPYVLLQNKESLFYKMVQQLGKAE
AAALTETAKQVYFKRNYPHIGHTDHMVTNTSNGQPSTLTIFETAL
;
_entity_poly.pdbx_strand_id   A
#
loop_
_chem_comp.id
_chem_comp.type
_chem_comp.name
_chem_comp.formula
ATP non-polymer ADENOSINE-5'-TRIPHOSPHATE 'C10 H16 N5 O13 P3'
MG non-polymer 'MAGNESIUM ION' 'Mg 2'
#
# COMPACT_ATOMS: atom_id res chain seq x y z
N GLU A 7 -16.99 25.52 -1.78
CA GLU A 7 -15.87 24.59 -1.87
C GLU A 7 -14.56 25.35 -2.02
N VAL A 8 -13.45 24.68 -1.69
CA VAL A 8 -12.15 25.35 -1.70
C VAL A 8 -11.75 25.73 -3.13
N LYS A 9 -12.09 24.89 -4.10
CA LYS A 9 -11.69 25.06 -5.48
C LYS A 9 -12.88 24.82 -6.40
N PRO A 10 -12.91 25.48 -7.55
CA PRO A 10 -13.99 25.25 -8.53
C PRO A 10 -13.83 23.90 -9.23
N ASN A 11 -14.84 23.58 -10.05
CA ASN A 11 -14.73 22.51 -11.03
C ASN A 11 -15.58 22.85 -12.24
N PRO A 12 -14.96 23.09 -13.39
CA PRO A 12 -15.74 23.50 -14.59
C PRO A 12 -16.72 22.46 -15.10
N LEU A 13 -16.57 21.19 -14.73
CA LEU A 13 -17.54 20.19 -15.15
C LEU A 13 -18.93 20.43 -14.58
N GLN A 14 -19.05 21.14 -13.46
CA GLN A 14 -20.35 21.47 -12.90
C GLN A 14 -21.16 22.43 -13.77
N ASP A 15 -20.50 23.16 -14.68
CA ASP A 15 -21.21 24.11 -15.53
C ASP A 15 -20.77 24.05 -16.99
N ALA A 16 -20.00 23.04 -17.38
CA ALA A 16 -19.67 22.83 -18.78
C ALA A 16 -20.92 22.58 -19.62
N ASN A 17 -21.06 23.36 -20.69
CA ASN A 17 -22.05 23.09 -21.73
C ASN A 17 -21.84 21.68 -22.29
N LEU A 18 -22.94 21.06 -22.72
CA LEU A 18 -22.89 19.66 -23.17
C LEU A 18 -21.90 19.47 -24.32
N CYS A 19 -21.82 20.40 -25.26
CA CYS A 19 -20.83 20.25 -26.33
C CYS A 19 -19.42 20.30 -25.75
N SER A 20 -19.18 21.23 -24.82
CA SER A 20 -17.92 21.27 -24.10
C SER A 20 -17.69 20.04 -23.24
N ARG A 21 -18.77 19.33 -22.85
CA ARG A 21 -18.64 18.11 -22.08
C ARG A 21 -18.24 16.91 -22.93
N VAL A 22 -18.92 16.69 -24.06
CA VAL A 22 -18.56 15.56 -24.91
C VAL A 22 -17.17 15.76 -25.53
N PHE A 23 -16.82 16.99 -25.86
CA PHE A 23 -15.46 17.28 -26.31
C PHE A 23 -14.47 17.44 -25.18
N PHE A 24 -14.92 17.37 -23.92
CA PHE A 24 -14.09 17.72 -22.76
C PHE A 24 -13.39 19.08 -22.94
N TRP A 25 -14.01 19.94 -23.74
CA TRP A 25 -13.43 21.23 -24.10
C TRP A 25 -13.29 22.14 -22.89
N TRP A 26 -14.10 21.92 -21.84
CA TRP A 26 -13.97 22.63 -20.58
C TRP A 26 -12.64 22.39 -19.89
N LEU A 27 -11.95 21.30 -20.20
CA LEU A 27 -10.67 20.97 -19.57
C LEU A 27 -9.50 21.70 -20.20
N ASN A 28 -9.68 22.28 -21.39
CA ASN A 28 -8.62 23.00 -22.09
C ASN A 28 -7.83 23.98 -21.22
N PRO A 29 -8.45 24.80 -20.35
CA PRO A 29 -7.64 25.68 -19.48
C PRO A 29 -6.65 24.97 -18.58
N LEU A 30 -6.87 23.71 -18.22
CA LEU A 30 -5.88 23.00 -17.41
C LEU A 30 -4.59 22.75 -18.18
N PHE A 31 -4.70 22.41 -19.46
CA PHE A 31 -3.52 22.21 -20.29
C PHE A 31 -2.74 23.49 -20.52
N LYS A 32 -3.42 24.64 -20.51
CA LYS A 32 -2.73 25.93 -20.60
C LYS A 32 -1.70 26.14 -19.49
N ILE A 33 -1.94 25.60 -18.29
CA ILE A 33 -0.93 25.71 -17.23
C ILE A 33 -0.01 24.49 -17.22
N GLY A 34 -0.54 23.29 -17.46
CA GLY A 34 0.30 22.11 -17.50
C GLY A 34 1.30 22.09 -18.63
N HIS A 35 1.00 22.79 -19.74
CA HIS A 35 2.00 23.00 -20.78
C HIS A 35 3.17 23.82 -20.27
N LYS A 36 2.96 24.67 -19.27
CA LYS A 36 3.99 25.61 -18.83
C LYS A 36 4.59 25.28 -17.48
N ARG A 37 3.88 24.55 -16.62
CA ARG A 37 4.30 24.33 -15.24
C ARG A 37 4.16 22.86 -14.89
N ARG A 38 4.86 22.45 -13.83
CA ARG A 38 4.45 21.28 -13.07
C ARG A 38 3.13 21.61 -12.37
N LEU A 39 2.12 20.77 -12.60
CA LEU A 39 0.85 20.93 -11.92
C LEU A 39 1.00 20.76 -10.41
N GLU A 40 0.13 21.45 -9.68
CA GLU A 40 0.15 21.49 -8.23
C GLU A 40 -1.20 21.03 -7.69
N GLU A 41 -1.20 20.50 -6.47
CA GLU A 41 -2.44 20.04 -5.87
C GLU A 41 -3.47 21.16 -5.76
N ASP A 42 -3.03 22.41 -5.66
CA ASP A 42 -3.93 23.55 -5.70
C ASP A 42 -4.46 23.84 -7.11
N ASP A 43 -3.85 23.27 -8.15
CA ASP A 43 -4.41 23.34 -9.50
C ASP A 43 -5.55 22.36 -9.73
N MET A 44 -5.56 21.22 -9.06
CA MET A 44 -6.53 20.18 -9.36
C MET A 44 -7.93 20.63 -8.97
N TYR A 45 -8.89 20.44 -9.88
CA TYR A 45 -10.27 20.79 -9.63
C TYR A 45 -10.87 19.97 -8.48
N SER A 46 -11.79 20.57 -7.75
CA SER A 46 -12.48 19.90 -6.66
C SER A 46 -13.36 18.77 -7.17
N VAL A 47 -13.44 17.70 -6.39
CA VAL A 47 -14.31 16.58 -6.72
C VAL A 47 -15.77 17.01 -6.68
N LEU A 48 -16.55 16.55 -7.65
CA LEU A 48 -17.94 16.96 -7.77
C LEU A 48 -18.74 16.50 -6.54
N PRO A 49 -19.80 17.25 -6.18
CA PRO A 49 -20.46 16.99 -4.88
C PRO A 49 -21.04 15.59 -4.76
N GLU A 50 -21.57 15.06 -5.87
CA GLU A 50 -22.09 13.69 -5.90
C GLU A 50 -21.00 12.64 -5.80
N ASP A 51 -19.76 13.00 -6.12
CA ASP A 51 -18.63 12.08 -6.07
C ASP A 51 -17.84 12.14 -4.78
N ARG A 52 -18.30 12.94 -3.80
CA ARG A 52 -17.62 13.01 -2.51
C ARG A 52 -17.53 11.63 -1.86
N SER A 53 -16.37 11.35 -1.27
CA SER A 53 -16.13 10.09 -0.58
C SER A 53 -17.13 9.84 0.55
N GLN A 54 -17.52 10.89 1.27
CA GLN A 54 -18.54 10.77 2.31
C GLN A 54 -19.85 10.26 1.75
N HIS A 55 -20.30 10.81 0.62
CA HIS A 55 -21.58 10.41 0.06
C HIS A 55 -21.54 8.97 -0.46
N LEU A 56 -20.53 8.65 -1.27
CA LEU A 56 -20.41 7.32 -1.86
C LEU A 56 -20.34 6.23 -0.80
N GLY A 57 -19.58 6.45 0.27
CA GLY A 57 -19.51 5.47 1.34
C GLY A 57 -20.80 5.35 2.13
N GLU A 58 -21.46 6.47 2.39
CA GLU A 58 -22.74 6.46 3.10
C GLU A 58 -23.87 5.89 2.25
N GLU A 59 -23.81 6.04 0.92
CA GLU A 59 -24.72 5.30 0.05
C GLU A 59 -24.57 3.80 0.19
N LEU A 60 -23.40 3.27 -0.13
CA LEU A 60 -23.21 1.83 -0.23
C LEU A 60 -23.28 1.14 1.13
N GLN A 61 -22.89 1.83 2.20
CA GLN A 61 -23.13 1.29 3.53
C GLN A 61 -24.62 1.17 3.83
N GLY A 62 -25.44 2.06 3.30
CA GLY A 62 -26.89 1.90 3.44
C GLY A 62 -27.41 0.62 2.83
N PHE A 63 -27.02 0.34 1.59
CA PHE A 63 -27.42 -0.91 0.94
C PHE A 63 -26.80 -2.13 1.60
N TRP A 64 -25.54 -2.05 2.02
CA TRP A 64 -24.92 -3.18 2.71
C TRP A 64 -25.56 -3.44 4.08
N ASP A 65 -25.94 -2.38 4.80
CA ASP A 65 -26.74 -2.55 6.01
C ASP A 65 -28.07 -3.24 5.71
N LYS A 66 -28.76 -2.80 4.67
CA LYS A 66 -30.00 -3.46 4.23
C LYS A 66 -29.78 -4.87 3.70
N GLU A 67 -28.55 -5.25 3.38
CA GLU A 67 -28.27 -6.61 2.95
C GLU A 67 -27.99 -7.56 4.11
N VAL A 68 -27.30 -7.10 5.14
CA VAL A 68 -27.11 -7.94 6.33
C VAL A 68 -28.34 -7.94 7.23
N LEU A 69 -29.10 -6.84 7.27
CA LEU A 69 -30.20 -6.66 8.20
C LEU A 69 -31.55 -6.94 7.52
N ARG A 70 -32.63 -6.39 8.09
CA ARG A 70 -33.99 -6.42 7.54
C ARG A 70 -34.46 -7.83 7.17
N ALA A 71 -33.95 -8.83 7.89
CA ALA A 71 -34.14 -10.25 7.58
C ALA A 71 -33.59 -10.65 6.21
N GLU A 72 -32.74 -9.83 5.59
CA GLU A 72 -31.98 -10.32 4.45
C GLU A 72 -30.87 -11.30 4.84
N ASN A 73 -30.77 -11.64 6.13
CA ASN A 73 -29.97 -12.76 6.60
C ASN A 73 -30.81 -14.00 6.92
N ASP A 74 -32.12 -13.96 6.67
CA ASP A 74 -33.03 -14.98 7.18
C ASP A 74 -32.69 -16.37 6.64
N ALA A 75 -32.38 -16.45 5.34
CA ALA A 75 -32.18 -17.75 4.69
C ALA A 75 -30.91 -17.79 3.85
N GLN A 76 -30.01 -16.83 4.04
CA GLN A 76 -28.83 -16.71 3.19
C GLN A 76 -27.76 -15.99 3.99
N LYS A 77 -26.51 -16.19 3.58
CA LYS A 77 -25.45 -15.27 3.97
C LYS A 77 -25.53 -13.99 3.14
N PRO A 78 -25.02 -12.88 3.66
CA PRO A 78 -25.04 -11.63 2.89
C PRO A 78 -24.24 -11.74 1.61
N SER A 79 -24.65 -10.98 0.59
CA SER A 79 -23.86 -10.83 -0.62
C SER A 79 -23.53 -9.36 -0.82
N LEU A 80 -22.25 -9.02 -0.71
CA LEU A 80 -21.80 -7.66 -1.02
C LEU A 80 -21.99 -7.33 -2.50
N THR A 81 -21.98 -8.34 -3.37
CA THR A 81 -22.31 -8.13 -4.77
C THR A 81 -23.77 -7.71 -4.98
N ARG A 82 -24.71 -8.32 -4.25
CA ARG A 82 -26.09 -7.86 -4.33
C ARG A 82 -26.25 -6.42 -3.85
N ALA A 83 -25.55 -6.06 -2.78
CA ALA A 83 -25.57 -4.67 -2.31
C ALA A 83 -24.98 -3.71 -3.35
N ILE A 84 -23.85 -4.09 -3.95
CA ILE A 84 -23.26 -3.27 -5.01
C ILE A 84 -24.19 -3.15 -6.22
N ILE A 85 -24.78 -4.28 -6.66
CA ILE A 85 -25.68 -4.23 -7.80
C ILE A 85 -26.93 -3.41 -7.49
N LYS A 86 -27.57 -3.66 -6.36
CA LYS A 86 -28.71 -2.84 -5.93
C LYS A 86 -28.38 -1.36 -5.91
N CYS A 87 -27.16 -1.01 -5.52
CA CYS A 87 -26.76 0.39 -5.46
C CYS A 87 -26.56 1.00 -6.84
N TYR A 88 -25.83 0.32 -7.72
CA TYR A 88 -25.35 0.92 -8.95
C TYR A 88 -26.05 0.49 -10.23
N TRP A 89 -26.97 -0.49 -10.17
CA TRP A 89 -27.52 -1.07 -11.39
C TRP A 89 -28.19 -0.01 -12.27
N LYS A 90 -28.97 0.89 -11.68
CA LYS A 90 -29.67 1.90 -12.48
C LYS A 90 -28.70 2.86 -13.16
N SER A 91 -27.66 3.30 -12.46
CA SER A 91 -26.62 4.13 -13.05
C SER A 91 -25.76 3.41 -14.08
N TYR A 92 -25.68 2.08 -14.02
CA TYR A 92 -24.82 1.33 -14.93
C TYR A 92 -25.56 0.73 -16.13
N LEU A 93 -26.79 0.25 -15.94
CA LEU A 93 -27.58 -0.24 -17.07
C LEU A 93 -27.85 0.84 -18.11
N VAL A 94 -28.02 2.09 -17.68
CA VAL A 94 -28.17 3.20 -18.63
C VAL A 94 -26.95 3.39 -19.51
N LEU A 95 -25.76 2.96 -19.05
CA LEU A 95 -24.59 2.91 -19.91
C LEU A 95 -24.56 1.67 -20.79
N GLY A 96 -25.29 0.62 -20.41
CA GLY A 96 -25.49 -0.52 -21.30
C GLY A 96 -26.22 -0.16 -22.58
N ILE A 97 -27.27 0.65 -22.46
CA ILE A 97 -28.00 1.14 -23.63
C ILE A 97 -27.07 1.83 -24.62
N PHE A 98 -26.12 2.63 -24.13
CA PHE A 98 -25.14 3.20 -25.06
C PHE A 98 -24.22 2.13 -25.62
N THR A 99 -23.84 1.13 -24.81
CA THR A 99 -23.05 0.02 -25.33
C THR A 99 -23.79 -0.73 -26.42
N LEU A 100 -25.11 -0.87 -26.30
CA LEU A 100 -25.90 -1.48 -27.37
C LEU A 100 -25.88 -0.63 -28.63
N ILE A 101 -26.07 0.69 -28.49
CA ILE A 101 -25.99 1.60 -29.63
C ILE A 101 -24.59 1.64 -30.20
N GLU A 102 -23.57 1.65 -29.33
CA GLU A 102 -22.19 1.67 -29.77
C GLU A 102 -21.85 0.47 -30.66
N GLU A 103 -22.12 -0.74 -30.18
CA GLU A 103 -21.78 -1.94 -30.95
C GLU A 103 -22.71 -2.18 -32.14
N SER A 104 -23.96 -1.72 -32.07
CA SER A 104 -24.78 -1.62 -33.27
C SER A 104 -24.13 -0.74 -34.34
N ALA A 105 -23.58 0.41 -33.93
CA ALA A 105 -22.88 1.27 -34.88
C ALA A 105 -21.64 0.60 -35.47
N LYS A 106 -20.90 -0.16 -34.67
CA LYS A 106 -19.77 -0.90 -35.19
C LYS A 106 -20.18 -1.94 -36.24
N VAL A 107 -21.28 -2.65 -36.00
CA VAL A 107 -21.77 -3.62 -36.98
C VAL A 107 -22.37 -2.94 -38.22
N ILE A 108 -23.02 -1.79 -38.04
CA ILE A 108 -23.57 -1.04 -39.16
C ILE A 108 -22.49 -0.49 -40.08
N GLN A 109 -21.37 -0.03 -39.52
CA GLN A 109 -20.31 0.61 -40.31
C GLN A 109 -19.81 -0.21 -41.50
N PRO A 110 -19.39 -1.47 -41.36
CA PRO A 110 -18.92 -2.21 -42.54
C PRO A 110 -20.01 -2.51 -43.56
N ILE A 111 -21.24 -2.75 -43.12
CA ILE A 111 -22.33 -3.00 -44.07
C ILE A 111 -22.56 -1.80 -44.97
N PHE A 112 -22.72 -0.61 -44.39
CA PHE A 112 -23.02 0.56 -45.21
C PHE A 112 -21.80 1.05 -45.98
N LEU A 113 -20.59 0.91 -45.42
CA LEU A 113 -19.40 1.18 -46.23
C LEU A 113 -19.21 0.11 -47.31
N GLY A 114 -19.54 -1.13 -47.01
CA GLY A 114 -19.61 -2.15 -48.05
C GLY A 114 -20.60 -1.79 -49.15
N LYS A 115 -21.72 -1.18 -48.77
CA LYS A 115 -22.66 -0.66 -49.76
C LYS A 115 -22.06 0.44 -50.62
N ILE A 116 -21.18 1.27 -50.04
CA ILE A 116 -20.40 2.19 -50.86
C ILE A 116 -19.42 1.43 -51.75
N ILE A 117 -18.78 0.38 -51.23
CA ILE A 117 -17.97 -0.47 -52.08
C ILE A 117 -18.84 -1.10 -53.16
N ASN A 118 -20.11 -1.36 -52.85
CA ASN A 118 -21.06 -1.82 -53.86
C ASN A 118 -21.53 -0.69 -54.77
N TYR A 119 -21.45 0.55 -54.30
CA TYR A 119 -21.59 1.71 -55.19
C TYR A 119 -20.40 1.84 -56.14
N PHE A 120 -19.25 1.27 -55.78
CA PHE A 120 -18.23 0.85 -56.74
C PHE A 120 -17.75 1.98 -57.63
N SER A 128 -20.36 3.50 -62.74
CA SER A 128 -21.20 2.76 -61.81
C SER A 128 -21.97 3.69 -60.88
N VAL A 129 -21.61 4.97 -60.93
CA VAL A 129 -22.19 5.94 -60.01
C VAL A 129 -23.67 6.15 -60.33
N ALA A 130 -24.41 6.61 -59.32
CA ALA A 130 -25.86 6.80 -59.48
C ALA A 130 -26.30 8.04 -58.71
N LEU A 131 -27.40 8.63 -59.17
CA LEU A 131 -27.89 9.89 -58.63
C LEU A 131 -28.21 9.80 -57.14
N ASN A 132 -27.61 10.71 -56.36
CA ASN A 132 -28.06 11.03 -54.99
C ASN A 132 -28.27 9.79 -54.12
N THR A 133 -27.52 8.72 -54.36
CA THR A 133 -27.78 7.45 -53.70
C THR A 133 -26.82 7.18 -52.55
N ALA A 134 -25.52 7.13 -52.82
CA ALA A 134 -24.53 6.79 -51.80
C ALA A 134 -24.40 7.86 -50.71
N TYR A 135 -24.88 9.08 -50.95
CA TYR A 135 -24.95 10.07 -49.89
C TYR A 135 -25.86 9.68 -48.74
N ALA A 136 -26.82 8.78 -48.95
CA ALA A 136 -27.52 8.16 -47.82
C ALA A 136 -26.58 7.31 -46.98
N TYR A 137 -25.78 6.46 -47.61
CA TYR A 137 -24.81 5.64 -46.88
C TYR A 137 -23.75 6.48 -46.17
N ALA A 138 -23.23 7.50 -46.85
CA ALA A 138 -22.29 8.42 -46.21
C ALA A 138 -22.91 9.14 -45.01
N THR A 139 -24.19 9.49 -45.09
CA THR A 139 -24.87 10.08 -43.94
C THR A 139 -24.99 9.11 -42.78
N VAL A 140 -25.20 7.82 -43.07
CA VAL A 140 -25.12 6.80 -42.02
C VAL A 140 -23.70 6.66 -41.48
N LEU A 141 -22.69 6.73 -42.35
CA LEU A 141 -21.30 6.64 -41.89
C LEU A 141 -20.88 7.85 -41.06
N THR A 142 -21.34 9.06 -41.41
CA THR A 142 -21.06 10.20 -40.56
C THR A 142 -21.70 10.05 -39.18
N PHE A 143 -22.98 9.70 -39.14
CA PHE A 143 -23.65 9.46 -37.86
C PHE A 143 -22.97 8.33 -37.08
N CYS A 144 -22.64 7.24 -37.75
CA CYS A 144 -21.92 6.14 -37.12
C CYS A 144 -20.57 6.57 -36.55
N THR A 145 -19.73 7.20 -37.37
CA THR A 145 -18.41 7.63 -36.90
C THR A 145 -18.47 8.71 -35.83
N LEU A 146 -19.49 9.58 -35.84
CA LEU A 146 -19.65 10.50 -34.72
C LEU A 146 -19.89 9.75 -33.41
N ILE A 147 -20.71 8.70 -33.43
CA ILE A 147 -20.86 7.82 -32.28
C ILE A 147 -19.51 7.23 -31.88
N LEU A 148 -18.85 6.56 -32.83
CA LEU A 148 -17.62 5.83 -32.56
C LEU A 148 -16.49 6.74 -32.07
N ALA A 149 -16.49 8.01 -32.47
CA ALA A 149 -15.31 8.84 -32.33
C ALA A 149 -15.46 10.06 -31.42
N ILE A 150 -16.68 10.43 -31.00
CA ILE A 150 -16.78 11.49 -30.00
C ILE A 150 -17.73 11.12 -28.87
N LEU A 151 -18.87 10.49 -29.16
CA LEU A 151 -19.77 10.10 -28.09
C LEU A 151 -19.22 8.93 -27.27
N HIS A 152 -18.45 8.04 -27.89
CA HIS A 152 -17.82 6.94 -27.16
C HIS A 152 -17.01 7.39 -25.95
N HIS A 153 -16.38 8.56 -26.02
CA HIS A 153 -15.47 8.97 -24.97
C HIS A 153 -16.17 9.48 -23.72
N LEU A 154 -17.29 10.20 -23.87
CA LEU A 154 -18.09 10.54 -22.70
C LEU A 154 -18.73 9.31 -22.07
N TYR A 155 -19.21 8.38 -22.90
CA TYR A 155 -19.61 7.07 -22.40
C TYR A 155 -18.49 6.40 -21.62
N PHE A 156 -17.29 6.38 -22.20
CA PHE A 156 -16.16 5.70 -21.56
C PHE A 156 -15.76 6.36 -20.25
N TYR A 157 -15.77 7.70 -20.20
CA TYR A 157 -15.55 8.41 -18.96
C TYR A 157 -16.53 7.99 -17.86
N HIS A 158 -17.82 7.88 -18.19
CA HIS A 158 -18.83 7.47 -17.21
C HIS A 158 -18.69 6.04 -16.72
N VAL A 159 -18.33 5.10 -17.60
CA VAL A 159 -18.08 3.74 -17.10
C VAL A 159 -16.82 3.68 -16.24
N GLN A 160 -15.85 4.55 -16.47
CA GLN A 160 -14.71 4.66 -15.56
C GLN A 160 -15.11 5.28 -14.22
N CYS A 161 -15.92 6.33 -14.25
CA CYS A 161 -16.41 6.92 -13.01
C CYS A 161 -17.29 5.98 -12.21
N ALA A 162 -18.05 5.11 -12.88
CA ALA A 162 -18.74 4.03 -12.16
C ALA A 162 -17.78 3.19 -11.36
N GLY A 163 -16.57 2.98 -11.87
CA GLY A 163 -15.55 2.25 -11.13
C GLY A 163 -14.86 3.04 -10.03
N MET A 164 -14.58 4.31 -10.29
CA MET A 164 -14.08 5.20 -9.25
C MET A 164 -15.08 5.31 -8.09
N ARG A 165 -16.35 5.54 -8.41
CA ARG A 165 -17.38 5.62 -7.36
C ARG A 165 -17.44 4.35 -6.52
N LEU A 166 -17.43 3.18 -7.18
CA LEU A 166 -17.41 1.93 -6.44
C LEU A 166 -16.12 1.78 -5.61
N ARG A 167 -14.98 2.10 -6.22
CA ARG A 167 -13.71 2.06 -5.48
C ARG A 167 -13.73 2.96 -4.25
N VAL A 168 -14.11 4.22 -4.42
CA VAL A 168 -14.13 5.17 -3.31
C VAL A 168 -15.17 4.80 -2.26
N ALA A 169 -16.33 4.28 -2.69
CA ALA A 169 -17.31 3.76 -1.75
C ALA A 169 -16.77 2.59 -0.93
N MET A 170 -16.08 1.65 -1.56
CA MET A 170 -15.47 0.55 -0.82
C MET A 170 -14.40 1.05 0.16
N CYS A 171 -13.53 1.95 -0.30
CA CYS A 171 -12.51 2.52 0.57
C CYS A 171 -13.09 3.14 1.83
N HIS A 172 -14.14 3.95 1.68
CA HIS A 172 -14.79 4.55 2.85
C HIS A 172 -15.33 3.52 3.83
N MET A 173 -16.07 2.53 3.35
CA MET A 173 -16.71 1.58 4.27
C MET A 173 -15.77 0.49 4.79
N ILE A 174 -14.66 0.22 4.11
CA ILE A 174 -13.58 -0.55 4.72
C ILE A 174 -12.93 0.20 5.88
N TYR A 175 -12.72 1.51 5.74
CA TYR A 175 -12.18 2.27 6.86
C TYR A 175 -13.20 2.50 7.97
N ARG A 176 -14.45 2.76 7.61
CA ARG A 176 -15.51 2.77 8.63
C ARG A 176 -15.54 1.47 9.43
N LYS A 177 -15.36 0.34 8.77
CA LYS A 177 -15.22 -0.94 9.47
C LYS A 177 -13.96 -1.00 10.31
N ALA A 178 -12.83 -0.57 9.74
CA ALA A 178 -11.55 -0.66 10.44
C ALA A 178 -11.56 0.05 11.79
N LEU A 179 -12.19 1.23 11.86
CA LEU A 179 -12.35 1.90 13.14
C LEU A 179 -13.17 1.10 14.13
N ARG A 180 -14.06 0.24 13.65
CA ARG A 180 -14.97 -0.50 14.52
C ARG A 180 -14.46 -1.88 14.91
N LEU A 181 -13.39 -2.37 14.29
CA LEU A 181 -12.93 -3.73 14.51
C LEU A 181 -12.63 -4.00 15.98
N SER A 182 -13.15 -5.12 16.48
CA SER A 182 -12.86 -5.62 17.81
C SER A 182 -11.43 -6.16 17.88
N ASN A 183 -10.91 -6.24 19.10
CA ASN A 183 -9.64 -6.92 19.35
C ASN A 183 -9.73 -8.41 19.06
N MET A 184 -10.92 -8.98 19.11
CA MET A 184 -11.12 -10.34 18.61
C MET A 184 -10.86 -10.41 17.11
N ALA A 185 -11.10 -9.31 16.38
CA ALA A 185 -10.97 -9.30 14.94
C ALA A 185 -9.60 -8.85 14.46
N MET A 186 -8.94 -7.95 15.18
CA MET A 186 -7.59 -7.53 14.85
C MET A 186 -6.55 -8.64 15.03
N GLY A 187 -6.94 -9.85 15.39
CA GLY A 187 -6.10 -11.00 15.21
C GLY A 187 -6.38 -11.69 13.89
N LYS A 188 -7.64 -11.66 13.47
CA LYS A 188 -8.04 -12.22 12.19
C LYS A 188 -7.72 -11.33 11.01
N THR A 189 -7.33 -10.08 11.25
CA THR A 189 -6.85 -9.19 10.19
C THR A 189 -5.65 -8.41 10.71
N THR A 190 -4.99 -7.70 9.79
CA THR A 190 -3.78 -6.94 10.11
C THR A 190 -3.72 -5.72 9.20
N THR A 191 -2.85 -4.79 9.58
CA THR A 191 -2.53 -3.63 8.72
C THR A 191 -2.08 -4.05 7.34
N GLY A 192 -1.40 -5.19 7.23
CA GLY A 192 -1.00 -5.69 5.92
C GLY A 192 -2.18 -5.99 5.02
N GLN A 193 -3.19 -6.69 5.55
CA GLN A 193 -4.41 -6.94 4.79
C GLN A 193 -5.16 -5.64 4.49
N ILE A 194 -5.35 -4.80 5.51
CA ILE A 194 -6.15 -3.58 5.33
C ILE A 194 -5.50 -2.64 4.32
N VAL A 195 -4.17 -2.50 4.38
CA VAL A 195 -3.47 -1.75 3.33
C VAL A 195 -3.63 -2.44 1.98
N ASN A 196 -3.59 -3.77 1.96
CA ASN A 196 -3.80 -4.48 0.71
C ASN A 196 -5.22 -4.32 0.18
N LEU A 197 -6.22 -4.30 1.06
CA LEU A 197 -7.59 -4.02 0.63
C LEU A 197 -7.70 -2.64 -0.01
N LEU A 198 -7.20 -1.61 0.67
CA LEU A 198 -7.28 -0.23 0.18
C LEU A 198 -6.39 0.06 -1.02
N SER A 199 -5.53 -0.87 -1.44
CA SER A 199 -4.52 -0.58 -2.45
C SER A 199 -4.58 -1.50 -3.65
N ASN A 200 -4.70 -2.81 -3.44
CA ASN A 200 -4.85 -3.76 -4.55
C ASN A 200 -6.29 -4.16 -4.78
N ASP A 201 -6.97 -4.67 -3.76
CA ASP A 201 -8.27 -5.30 -3.97
C ASP A 201 -9.33 -4.30 -4.42
N VAL A 202 -9.40 -3.12 -3.80
CA VAL A 202 -10.31 -2.09 -4.30
C VAL A 202 -9.89 -1.54 -5.66
N ASN A 203 -8.63 -1.71 -6.06
CA ASN A 203 -8.20 -1.16 -7.34
C ASN A 203 -8.77 -1.93 -8.53
N LYS A 204 -9.11 -3.21 -8.32
CA LYS A 204 -9.79 -4.01 -9.34
C LYS A 204 -11.07 -3.36 -9.83
N PHE A 205 -11.82 -2.74 -8.91
CA PHE A 205 -13.08 -2.07 -9.25
C PHE A 205 -12.94 -0.96 -10.28
N ASP A 206 -11.77 -0.34 -10.40
CA ASP A 206 -11.60 0.69 -11.42
C ASP A 206 -11.67 0.11 -12.83
N GLN A 207 -11.07 -1.06 -13.07
CA GLN A 207 -11.06 -1.66 -14.39
C GLN A 207 -12.28 -2.51 -14.69
N VAL A 208 -12.86 -3.14 -13.66
CA VAL A 208 -13.99 -4.05 -13.83
C VAL A 208 -15.15 -3.39 -14.58
N THR A 209 -15.55 -2.20 -14.15
CA THR A 209 -16.72 -1.54 -14.71
C THR A 209 -16.52 -1.07 -16.15
N VAL A 210 -15.28 -1.02 -16.65
CA VAL A 210 -15.06 -0.71 -18.06
C VAL A 210 -15.60 -1.82 -18.95
N PHE A 211 -15.19 -3.06 -18.69
CA PHE A 211 -15.48 -4.20 -19.55
C PHE A 211 -16.81 -4.88 -19.25
N LEU A 212 -17.41 -4.61 -18.09
CA LEU A 212 -18.50 -5.44 -17.57
C LEU A 212 -19.69 -5.56 -18.52
N HIS A 213 -20.01 -4.52 -19.29
CA HIS A 213 -21.06 -4.67 -20.29
C HIS A 213 -20.68 -5.59 -21.45
N PHE A 214 -19.40 -5.79 -21.72
CA PHE A 214 -18.97 -6.69 -22.79
C PHE A 214 -19.16 -8.17 -22.46
N LEU A 215 -19.54 -8.51 -21.23
CA LEU A 215 -20.00 -9.87 -20.94
C LEU A 215 -21.25 -10.26 -21.71
N TRP A 216 -22.09 -9.29 -22.09
CA TRP A 216 -23.21 -9.56 -22.98
C TRP A 216 -23.01 -9.01 -24.39
N ALA A 217 -22.42 -7.82 -24.53
CA ALA A 217 -22.24 -7.23 -25.85
C ALA A 217 -21.25 -7.99 -26.73
N GLY A 218 -20.35 -8.77 -26.14
CA GLY A 218 -19.51 -9.67 -26.89
C GLY A 218 -20.26 -10.80 -27.57
N PRO A 219 -20.77 -11.74 -26.77
CA PRO A 219 -21.53 -12.88 -27.35
C PRO A 219 -22.68 -12.48 -28.26
N LEU A 220 -23.46 -11.47 -27.87
CA LEU A 220 -24.55 -10.98 -28.70
C LEU A 220 -24.05 -10.51 -30.07
N GLN A 221 -22.89 -9.86 -30.11
CA GLN A 221 -22.36 -9.36 -31.37
C GLN A 221 -21.73 -10.45 -32.23
N ALA A 222 -21.21 -11.51 -31.61
CA ALA A 222 -20.83 -12.70 -32.35
C ALA A 222 -22.02 -13.31 -33.10
N ILE A 223 -23.16 -13.40 -32.44
CA ILE A 223 -24.38 -13.92 -33.08
C ILE A 223 -24.85 -13.00 -34.21
N ALA A 224 -24.72 -11.68 -34.04
CA ALA A 224 -25.12 -10.76 -35.10
C ALA A 224 -24.31 -10.94 -36.39
N VAL A 225 -22.99 -11.10 -36.30
CA VAL A 225 -22.18 -11.24 -37.52
C VAL A 225 -22.38 -12.58 -38.24
N THR A 226 -22.62 -13.67 -37.52
CA THR A 226 -22.90 -14.93 -38.21
C THR A 226 -24.23 -14.88 -38.96
N ALA A 227 -25.23 -14.20 -38.41
CA ALA A 227 -26.47 -13.97 -39.14
C ALA A 227 -26.24 -13.14 -40.41
N LEU A 228 -25.49 -12.05 -40.31
CA LEU A 228 -25.22 -11.20 -41.47
C LEU A 228 -24.39 -11.91 -42.54
N LEU A 229 -23.46 -12.77 -42.14
CA LEU A 229 -22.68 -13.51 -43.12
C LEU A 229 -23.44 -14.68 -43.72
N TRP A 230 -24.38 -15.28 -42.98
CA TRP A 230 -25.25 -16.29 -43.59
C TRP A 230 -26.10 -15.68 -44.70
N MET A 231 -26.40 -14.39 -44.62
CA MET A 231 -27.02 -13.67 -45.72
C MET A 231 -26.02 -13.23 -46.79
N GLU A 232 -24.76 -13.65 -46.69
CA GLU A 232 -23.74 -13.19 -47.63
C GLU A 232 -22.86 -14.35 -48.10
N ILE A 233 -22.12 -14.95 -47.17
CA ILE A 233 -21.31 -16.13 -47.50
C ILE A 233 -22.17 -17.39 -47.53
N GLY A 234 -23.27 -17.42 -46.79
CA GLY A 234 -24.03 -18.65 -46.63
C GLY A 234 -23.47 -19.55 -45.53
N ILE A 235 -23.70 -20.85 -45.69
CA ILE A 235 -23.59 -21.81 -44.59
C ILE A 235 -22.17 -21.84 -44.03
N SER A 236 -21.16 -21.56 -44.86
CA SER A 236 -19.77 -21.57 -44.40
C SER A 236 -19.50 -20.62 -43.24
N CYS A 237 -20.32 -19.59 -43.06
CA CYS A 237 -20.18 -18.71 -41.90
C CYS A 237 -20.41 -19.43 -40.57
N LEU A 238 -21.10 -20.56 -40.58
CA LEU A 238 -21.24 -21.38 -39.37
C LEU A 238 -19.92 -21.96 -38.89
N ALA A 239 -18.93 -22.11 -39.76
CA ALA A 239 -17.60 -22.51 -39.31
C ALA A 239 -16.88 -21.40 -38.55
N GLY A 240 -17.08 -20.15 -38.96
CA GLY A 240 -16.59 -19.04 -38.16
C GLY A 240 -17.22 -18.98 -36.78
N MET A 241 -18.55 -19.12 -36.72
CA MET A 241 -19.24 -19.21 -35.44
C MET A 241 -18.81 -20.44 -34.64
N ALA A 242 -18.49 -21.55 -35.31
CA ALA A 242 -18.06 -22.74 -34.60
C ALA A 242 -16.78 -22.51 -33.79
N VAL A 243 -15.85 -21.71 -34.31
CA VAL A 243 -14.68 -21.32 -33.52
C VAL A 243 -15.09 -20.57 -32.26
N LEU A 244 -15.97 -19.57 -32.42
CA LEU A 244 -16.43 -18.80 -31.27
C LEU A 244 -17.22 -19.66 -30.28
N ILE A 245 -17.99 -20.62 -30.78
CA ILE A 245 -18.72 -21.53 -29.90
C ILE A 245 -17.79 -22.49 -29.17
N ILE A 246 -16.56 -22.67 -29.67
CA ILE A 246 -15.51 -23.30 -28.87
C ILE A 246 -14.80 -22.28 -27.99
N LEU A 247 -14.33 -21.18 -28.58
CA LEU A 247 -13.40 -20.28 -27.92
C LEU A 247 -14.01 -19.55 -26.74
N LEU A 248 -15.22 -19.00 -26.91
CA LEU A 248 -15.82 -18.19 -25.86
C LEU A 248 -16.27 -18.97 -24.62
N PRO A 249 -16.81 -20.19 -24.75
CA PRO A 249 -16.99 -21.02 -23.55
C PRO A 249 -15.68 -21.40 -22.86
N LEU A 250 -14.64 -21.68 -23.63
CA LEU A 250 -13.33 -21.95 -23.05
C LEU A 250 -12.79 -20.77 -22.26
N GLN A 251 -12.81 -19.57 -22.86
CA GLN A 251 -12.35 -18.37 -22.17
C GLN A 251 -13.24 -18.00 -20.99
N SER A 252 -14.51 -18.41 -21.01
CA SER A 252 -15.36 -18.31 -19.82
C SER A 252 -14.86 -19.20 -18.70
N CYS A 253 -14.32 -20.37 -19.02
CA CYS A 253 -13.75 -21.25 -17.99
C CYS A 253 -12.43 -20.74 -17.43
N PHE A 254 -11.65 -19.98 -18.21
CA PHE A 254 -10.48 -19.33 -17.66
C PHE A 254 -10.82 -18.41 -16.50
N GLY A 255 -12.01 -17.82 -16.50
CA GLY A 255 -12.45 -17.05 -15.34
C GLY A 255 -12.35 -17.77 -14.02
N LYS A 256 -12.58 -19.09 -14.03
CA LYS A 256 -12.42 -19.90 -12.83
C LYS A 256 -10.96 -19.98 -12.37
N LEU A 257 -10.02 -20.02 -13.31
CA LEU A 257 -8.60 -19.99 -12.98
C LEU A 257 -8.14 -18.61 -12.51
N PHE A 258 -8.55 -17.55 -13.21
CA PHE A 258 -8.22 -16.20 -12.78
C PHE A 258 -8.73 -15.89 -11.38
N SER A 259 -9.94 -16.36 -11.04
CA SER A 259 -10.44 -16.22 -9.67
C SER A 259 -9.55 -16.96 -8.67
N SER A 260 -9.24 -18.23 -8.94
CA SER A 260 -8.40 -19.01 -8.04
C SER A 260 -7.00 -18.40 -7.87
N LEU A 261 -6.34 -18.07 -8.99
CA LEU A 261 -4.99 -17.51 -8.93
C LEU A 261 -4.92 -16.15 -8.27
N ARG A 262 -5.95 -15.31 -8.42
CA ARG A 262 -5.96 -14.03 -7.71
C ARG A 262 -6.15 -14.21 -6.21
N SER A 263 -7.03 -15.12 -5.79
CA SER A 263 -7.20 -15.39 -4.36
C SER A 263 -5.91 -15.89 -3.71
N LYS A 264 -5.16 -16.75 -4.42
CA LYS A 264 -3.86 -17.19 -3.93
C LYS A 264 -2.84 -16.07 -3.87
N THR A 265 -2.76 -15.25 -4.92
CA THR A 265 -1.84 -14.11 -4.93
C THR A 265 -2.11 -13.15 -3.78
N ALA A 266 -3.37 -12.74 -3.60
CA ALA A 266 -3.70 -11.79 -2.55
C ALA A 266 -3.33 -12.29 -1.15
N THR A 267 -3.39 -13.60 -0.92
CA THR A 267 -2.94 -14.16 0.35
C THR A 267 -1.44 -13.97 0.58
N PHE A 268 -0.63 -14.05 -0.48
CA PHE A 268 0.79 -13.74 -0.36
C PHE A 268 1.08 -12.25 -0.37
N THR A 269 0.30 -11.45 -1.09
CA THR A 269 0.46 -10.00 -1.02
C THR A 269 0.12 -9.47 0.38
N ASP A 270 -0.91 -10.03 1.01
CA ASP A 270 -1.18 -9.73 2.42
C ASP A 270 0.04 -10.00 3.29
N ALA A 271 0.64 -11.18 3.17
CA ALA A 271 1.77 -11.56 3.99
C ALA A 271 3.00 -10.71 3.70
N ARG A 272 3.22 -10.35 2.45
CA ARG A 272 4.31 -9.44 2.10
C ARG A 272 4.15 -8.06 2.72
N ILE A 273 2.98 -7.44 2.53
CA ILE A 273 2.74 -6.12 3.10
C ILE A 273 2.71 -6.16 4.62
N ARG A 274 2.19 -7.24 5.21
CA ARG A 274 2.27 -7.40 6.66
C ARG A 274 3.71 -7.40 7.16
N THR A 275 4.58 -8.20 6.53
CA THR A 275 5.99 -8.21 6.93
C THR A 275 6.69 -6.90 6.62
N MET A 276 6.40 -6.31 5.46
CA MET A 276 7.00 -5.04 5.07
C MET A 276 6.66 -3.93 6.05
N ASN A 277 5.41 -3.89 6.50
CA ASN A 277 5.00 -2.96 7.55
C ASN A 277 5.82 -3.12 8.83
N GLU A 278 6.03 -4.36 9.26
CA GLU A 278 6.85 -4.62 10.45
C GLU A 278 8.33 -4.32 10.23
N VAL A 279 8.83 -4.48 9.02
CA VAL A 279 10.19 -4.03 8.71
C VAL A 279 10.29 -2.51 8.86
N ILE A 280 9.43 -1.77 8.17
CA ILE A 280 9.50 -0.32 8.16
C ILE A 280 9.32 0.27 9.56
N THR A 281 8.39 -0.26 10.34
CA THR A 281 8.21 0.23 11.70
C THR A 281 9.33 -0.22 12.63
N GLY A 282 9.80 -1.45 12.49
CA GLY A 282 10.88 -1.98 13.29
C GLY A 282 12.29 -1.63 12.86
N ILE A 283 12.46 -0.79 11.84
CA ILE A 283 13.73 -0.72 11.12
C ILE A 283 14.88 -0.32 12.03
N ARG A 284 14.64 0.55 13.01
CA ARG A 284 15.72 0.96 13.91
C ARG A 284 16.22 -0.20 14.76
N ILE A 285 15.31 -1.03 15.26
CA ILE A 285 15.70 -2.19 16.07
C ILE A 285 16.22 -3.33 15.20
N ILE A 286 15.63 -3.50 14.02
CA ILE A 286 16.18 -4.41 13.01
C ILE A 286 17.62 -4.05 12.68
N LYS A 287 17.90 -2.76 12.51
CA LYS A 287 19.27 -2.30 12.26
C LYS A 287 20.20 -2.59 13.44
N MET A 288 19.79 -2.24 14.65
CA MET A 288 20.65 -2.46 15.80
C MET A 288 20.93 -3.93 16.07
N TYR A 289 19.98 -4.82 15.80
CA TYR A 289 20.28 -6.24 15.86
C TYR A 289 21.00 -6.76 14.61
N ALA A 290 21.06 -5.98 13.54
CA ALA A 290 21.54 -6.42 12.23
C ALA A 290 20.76 -7.62 11.69
N TRP A 291 19.46 -7.70 11.99
CA TRP A 291 18.59 -8.75 11.46
C TRP A 291 18.17 -8.49 10.02
N GLU A 292 18.78 -7.52 9.34
CA GLU A 292 18.37 -7.16 7.99
C GLU A 292 18.50 -8.33 7.01
N LYS A 293 19.49 -9.20 7.18
CA LYS A 293 19.57 -10.41 6.36
C LYS A 293 18.37 -11.32 6.52
N SER A 294 17.85 -11.47 7.74
CA SER A 294 16.66 -12.29 7.97
C SER A 294 15.44 -11.78 7.22
N PHE A 295 15.16 -10.48 7.31
CA PHE A 295 14.00 -9.90 6.64
C PHE A 295 14.18 -9.79 5.12
N SER A 296 15.41 -9.58 4.65
CA SER A 296 15.69 -9.71 3.22
C SER A 296 15.26 -11.07 2.66
N ASN A 297 15.63 -12.16 3.35
CA ASN A 297 15.25 -13.49 2.90
C ASN A 297 13.74 -13.74 3.02
N LEU A 298 13.14 -13.36 4.14
CA LEU A 298 11.71 -13.56 4.34
C LEU A 298 10.87 -12.84 3.29
N ILE A 299 11.18 -11.58 2.99
CA ILE A 299 10.45 -10.84 1.96
C ILE A 299 10.70 -11.41 0.56
N THR A 300 11.94 -11.78 0.24
CA THR A 300 12.20 -12.36 -1.06
C THR A 300 11.64 -13.77 -1.22
N ASN A 301 11.44 -14.51 -0.13
CA ASN A 301 10.67 -15.75 -0.22
C ASN A 301 9.21 -15.48 -0.56
N LEU A 302 8.55 -14.59 0.20
CA LEU A 302 7.16 -14.24 -0.07
C LEU A 302 6.96 -13.67 -1.46
N ARG A 303 7.89 -12.82 -1.91
CA ARG A 303 7.81 -12.28 -3.26
C ARG A 303 7.91 -13.36 -4.34
N LYS A 304 8.74 -14.38 -4.13
CA LYS A 304 8.79 -15.49 -5.07
C LYS A 304 7.47 -16.25 -5.13
N LYS A 305 6.92 -16.61 -3.97
CA LYS A 305 5.63 -17.27 -3.91
C LYS A 305 4.53 -16.43 -4.55
N GLU A 306 4.53 -15.12 -4.29
CA GLU A 306 3.56 -14.22 -4.88
C GLU A 306 3.73 -14.10 -6.40
N ILE A 307 4.96 -13.83 -6.86
CA ILE A 307 5.21 -13.63 -8.27
C ILE A 307 5.05 -14.90 -9.10
N SER A 308 5.10 -16.08 -8.48
CA SER A 308 4.74 -17.31 -9.18
C SER A 308 3.28 -17.30 -9.64
N LYS A 309 2.35 -17.01 -8.73
CA LYS A 309 0.94 -16.93 -9.12
C LYS A 309 0.62 -15.72 -9.98
N ILE A 310 1.35 -14.61 -9.81
CA ILE A 310 1.26 -13.51 -10.76
C ILE A 310 1.73 -13.95 -12.15
N LEU A 311 2.82 -14.71 -12.20
CA LEU A 311 3.34 -15.19 -13.48
C LEU A 311 2.38 -16.15 -14.17
N ARG A 312 1.84 -17.12 -13.43
CA ARG A 312 0.87 -18.06 -14.01
C ARG A 312 -0.39 -17.37 -14.51
N SER A 313 -0.99 -16.49 -13.69
CA SER A 313 -2.17 -15.76 -14.15
C SER A 313 -1.86 -14.82 -15.31
N SER A 314 -0.65 -14.25 -15.35
CA SER A 314 -0.23 -13.48 -16.51
C SER A 314 -0.04 -14.35 -17.76
N CYS A 315 0.26 -15.63 -17.60
CA CYS A 315 0.34 -16.52 -18.76
C CYS A 315 -1.02 -16.84 -19.36
N LEU A 316 -2.05 -17.03 -18.53
CA LEU A 316 -3.41 -17.10 -19.07
C LEU A 316 -3.81 -15.80 -19.77
N ARG A 317 -3.47 -14.66 -19.18
CA ARG A 317 -3.68 -13.39 -19.86
C ARG A 317 -2.90 -13.29 -21.16
N GLY A 318 -1.73 -13.95 -21.23
CA GLY A 318 -1.03 -14.08 -22.50
C GLY A 318 -1.79 -14.88 -23.55
N MET A 319 -2.47 -15.94 -23.12
CA MET A 319 -3.35 -16.68 -24.03
C MET A 319 -4.53 -15.84 -24.50
N ASN A 320 -5.17 -15.10 -23.60
CA ASN A 320 -6.26 -14.22 -24.00
C ASN A 320 -5.82 -13.22 -25.07
N LEU A 321 -4.70 -12.52 -24.83
CA LEU A 321 -4.23 -11.55 -25.80
C LEU A 321 -3.66 -12.22 -27.06
N ALA A 322 -3.16 -13.44 -26.94
CA ALA A 322 -2.79 -14.21 -28.14
C ALA A 322 -4.01 -14.66 -28.93
N SER A 323 -5.13 -14.91 -28.25
CA SER A 323 -6.39 -15.18 -28.96
C SER A 323 -6.91 -13.95 -29.68
N PHE A 324 -6.81 -12.78 -29.06
CA PHE A 324 -7.17 -11.53 -29.73
C PHE A 324 -6.40 -11.35 -31.04
N PHE A 325 -5.10 -11.61 -31.02
CA PHE A 325 -4.28 -11.46 -32.21
C PHE A 325 -4.69 -12.43 -33.32
N SER A 326 -4.82 -13.72 -33.00
CA SER A 326 -4.88 -14.76 -34.02
C SER A 326 -6.24 -15.39 -34.26
N ALA A 327 -7.17 -15.33 -33.31
CA ALA A 327 -8.44 -16.04 -33.47
C ALA A 327 -9.29 -15.48 -34.61
N SER A 328 -9.26 -14.17 -34.86
CA SER A 328 -9.92 -13.64 -36.04
C SER A 328 -9.34 -14.20 -37.34
N LYS A 329 -8.01 -14.31 -37.43
CA LYS A 329 -7.40 -14.97 -38.58
C LYS A 329 -7.75 -16.45 -38.67
N ILE A 330 -7.90 -17.12 -37.53
CA ILE A 330 -8.43 -18.49 -37.54
C ILE A 330 -9.86 -18.52 -38.06
N ILE A 331 -10.70 -17.60 -37.57
CA ILE A 331 -12.10 -17.55 -38.00
C ILE A 331 -12.20 -17.30 -39.50
N VAL A 332 -11.48 -16.30 -40.02
CA VAL A 332 -11.48 -16.06 -41.46
C VAL A 332 -10.81 -17.19 -42.24
N PHE A 333 -9.91 -17.95 -41.61
CA PHE A 333 -9.43 -19.19 -42.22
C PHE A 333 -10.50 -20.27 -42.21
N VAL A 334 -10.99 -20.62 -41.02
CA VAL A 334 -11.96 -21.72 -40.89
C VAL A 334 -13.21 -21.48 -41.72
N THR A 335 -13.72 -20.25 -41.72
CA THR A 335 -14.89 -19.96 -42.55
C THR A 335 -14.59 -19.98 -44.05
N PHE A 336 -13.33 -19.82 -44.45
CA PHE A 336 -12.98 -19.90 -45.87
C PHE A 336 -12.47 -21.27 -46.33
N THR A 337 -11.66 -21.97 -45.53
CA THR A 337 -11.32 -23.34 -45.89
C THR A 337 -12.56 -24.22 -46.03
N THR A 338 -13.49 -24.11 -45.08
CA THR A 338 -14.80 -24.76 -45.17
C THR A 338 -15.74 -24.07 -46.15
N TYR A 339 -15.22 -23.18 -47.00
CA TYR A 339 -15.99 -22.56 -48.08
C TYR A 339 -15.42 -22.89 -49.45
N VAL A 340 -14.11 -22.77 -49.65
CA VAL A 340 -13.53 -23.12 -50.95
C VAL A 340 -13.58 -24.61 -51.21
N LEU A 341 -13.68 -25.42 -50.15
CA LEU A 341 -14.04 -26.83 -50.32
C LEU A 341 -15.47 -27.00 -50.82
N LEU A 342 -16.21 -25.91 -50.97
CA LEU A 342 -17.59 -25.93 -51.43
C LEU A 342 -17.87 -24.95 -52.57
N GLY A 343 -16.95 -24.03 -52.87
CA GLY A 343 -17.24 -22.89 -53.72
C GLY A 343 -16.00 -22.15 -54.17
N SER A 344 -16.11 -20.84 -54.45
CA SER A 344 -15.03 -20.12 -55.09
C SER A 344 -14.77 -18.77 -54.43
N VAL A 345 -13.50 -18.45 -54.24
CA VAL A 345 -13.08 -17.16 -53.71
C VAL A 345 -13.13 -16.12 -54.80
N ILE A 346 -13.72 -14.96 -54.50
CA ILE A 346 -13.95 -13.90 -55.47
C ILE A 346 -13.23 -12.65 -55.00
N THR A 347 -12.57 -11.96 -55.93
CA THR A 347 -11.92 -10.69 -55.63
C THR A 347 -12.89 -9.72 -54.97
N ALA A 348 -12.42 -9.07 -53.89
CA ALA A 348 -13.26 -8.26 -53.01
C ALA A 348 -14.46 -9.08 -52.54
N SER A 349 -15.65 -8.69 -52.96
CA SER A 349 -16.84 -9.56 -52.97
C SER A 349 -17.00 -10.23 -51.60
N ARG A 350 -17.14 -11.56 -51.55
CA ARG A 350 -17.29 -12.29 -50.30
C ARG A 350 -16.15 -12.04 -49.32
N VAL A 351 -14.90 -12.11 -49.77
CA VAL A 351 -13.77 -12.05 -48.84
C VAL A 351 -13.63 -10.65 -48.23
N PHE A 352 -13.93 -9.61 -48.99
CA PHE A 352 -14.00 -8.26 -48.42
C PHE A 352 -15.04 -8.17 -47.30
N VAL A 353 -16.22 -8.75 -47.50
CA VAL A 353 -17.29 -8.67 -46.51
C VAL A 353 -16.96 -9.47 -45.25
N ALA A 354 -16.41 -10.67 -45.40
CA ALA A 354 -15.98 -11.46 -44.25
C ALA A 354 -14.89 -10.75 -43.45
N VAL A 355 -13.84 -10.28 -44.13
CA VAL A 355 -12.75 -9.57 -43.46
C VAL A 355 -13.24 -8.33 -42.72
N THR A 356 -14.10 -7.53 -43.35
CA THR A 356 -14.57 -6.31 -42.70
C THR A 356 -15.55 -6.57 -41.56
N LEU A 357 -16.43 -7.57 -41.69
CA LEU A 357 -17.33 -7.88 -40.59
C LEU A 357 -16.58 -8.42 -39.37
N TYR A 358 -15.73 -9.42 -39.57
CA TYR A 358 -14.91 -9.93 -38.46
C TYR A 358 -13.92 -8.88 -37.95
N GLY A 359 -13.36 -8.07 -38.85
CA GLY A 359 -12.49 -6.99 -38.42
C GLY A 359 -13.16 -5.94 -37.55
N ALA A 360 -14.40 -5.58 -37.88
CA ALA A 360 -15.13 -4.61 -37.06
C ALA A 360 -15.51 -5.17 -35.69
N VAL A 361 -15.79 -6.46 -35.60
CA VAL A 361 -16.28 -7.09 -34.39
C VAL A 361 -15.16 -7.75 -33.56
N ARG A 362 -13.97 -7.91 -34.12
CA ARG A 362 -12.86 -8.59 -33.44
C ARG A 362 -12.64 -8.09 -32.02
N LEU A 363 -12.62 -6.76 -31.83
CA LEU A 363 -12.33 -6.20 -30.52
C LEU A 363 -13.27 -6.72 -29.43
N THR A 364 -14.58 -6.67 -29.67
CA THR A 364 -15.52 -7.03 -28.60
C THR A 364 -15.55 -8.52 -28.29
N VAL A 365 -15.58 -9.37 -29.32
CA VAL A 365 -15.73 -10.81 -29.05
C VAL A 365 -14.45 -11.46 -28.53
N THR A 366 -13.28 -10.99 -28.94
CA THR A 366 -12.04 -11.70 -28.62
C THR A 366 -10.97 -10.81 -28.02
N LEU A 367 -11.31 -9.57 -27.64
CA LEU A 367 -10.52 -8.86 -26.64
C LEU A 367 -11.36 -8.46 -25.43
N PHE A 368 -12.45 -7.72 -25.61
CA PHE A 368 -13.17 -7.19 -24.45
C PHE A 368 -13.92 -8.27 -23.70
N PHE A 369 -14.51 -9.24 -24.40
CA PHE A 369 -15.12 -10.38 -23.70
C PHE A 369 -14.12 -11.19 -22.87
N PRO A 370 -13.03 -11.71 -23.44
CA PRO A 370 -12.06 -12.41 -22.57
C PRO A 370 -11.49 -11.53 -21.47
N SER A 371 -11.25 -10.25 -21.76
CA SER A 371 -10.83 -9.32 -20.72
C SER A 371 -11.91 -9.14 -19.65
N ALA A 372 -13.17 -9.03 -20.06
CA ALA A 372 -14.25 -8.84 -19.11
C ALA A 372 -14.37 -10.00 -18.12
N ILE A 373 -14.26 -11.24 -18.61
CA ILE A 373 -14.41 -12.39 -17.71
C ILE A 373 -13.22 -12.57 -16.77
N GLU A 374 -12.01 -12.17 -17.18
CA GLU A 374 -10.91 -12.12 -16.21
C GLU A 374 -11.04 -10.97 -15.22
N ARG A 375 -11.42 -9.78 -15.70
CA ARG A 375 -11.56 -8.61 -14.82
C ARG A 375 -12.65 -8.81 -13.78
N VAL A 376 -13.81 -9.32 -14.20
CA VAL A 376 -14.91 -9.57 -13.27
C VAL A 376 -14.59 -10.70 -12.31
N SER A 377 -13.89 -11.73 -12.77
CA SER A 377 -13.47 -12.80 -11.86
C SER A 377 -12.38 -12.35 -10.90
N GLU A 378 -11.58 -11.34 -11.27
CA GLU A 378 -10.75 -10.65 -10.27
C GLU A 378 -11.55 -9.76 -9.34
N ALA A 379 -12.64 -9.15 -9.81
CA ALA A 379 -13.54 -8.41 -8.93
C ALA A 379 -14.16 -9.29 -7.85
N ILE A 380 -14.79 -10.39 -8.27
CA ILE A 380 -15.58 -11.21 -7.36
C ILE A 380 -14.75 -11.75 -6.20
N VAL A 381 -13.52 -12.16 -6.47
CA VAL A 381 -12.63 -12.53 -5.37
C VAL A 381 -12.30 -11.32 -4.48
N SER A 382 -11.98 -10.17 -5.08
CA SER A 382 -11.74 -8.97 -4.28
C SER A 382 -12.97 -8.57 -3.46
N ILE A 383 -14.16 -8.77 -4.01
CA ILE A 383 -15.39 -8.58 -3.23
C ILE A 383 -15.51 -9.56 -2.08
N ARG A 384 -15.13 -10.82 -2.30
CA ARG A 384 -15.10 -11.78 -1.20
C ARG A 384 -14.04 -11.44 -0.16
N ARG A 385 -12.90 -10.90 -0.58
CA ARG A 385 -11.91 -10.44 0.39
C ARG A 385 -12.41 -9.28 1.24
N ILE A 386 -13.13 -8.34 0.63
CA ILE A 386 -13.70 -7.23 1.37
C ILE A 386 -14.91 -7.64 2.20
N GLN A 387 -15.81 -8.44 1.63
CA GLN A 387 -16.96 -8.92 2.38
C GLN A 387 -16.54 -9.65 3.66
N THR A 388 -15.54 -10.53 3.56
CA THR A 388 -15.08 -11.24 4.74
C THR A 388 -14.39 -10.32 5.75
N PHE A 389 -13.95 -9.14 5.32
CA PHE A 389 -13.52 -8.10 6.24
C PHE A 389 -14.69 -7.33 6.84
N LEU A 390 -15.64 -6.92 6.01
CA LEU A 390 -16.81 -6.19 6.49
C LEU A 390 -17.67 -7.00 7.46
N LEU A 391 -17.60 -8.32 7.44
CA LEU A 391 -18.31 -9.16 8.39
C LEU A 391 -17.52 -9.51 9.63
N LEU A 392 -16.32 -8.95 9.81
CA LEU A 392 -15.58 -9.17 11.05
C LEU A 392 -16.32 -8.61 12.26
N ASP A 393 -15.91 -9.08 13.44
CA ASP A 393 -16.45 -8.61 14.71
C ASP A 393 -16.17 -7.12 14.91
N GLU A 394 -17.11 -6.45 15.57
CA GLU A 394 -17.02 -5.02 15.86
C GLU A 394 -17.19 -4.79 17.36
N ILE A 395 -16.74 -3.63 17.80
CA ILE A 395 -16.89 -3.22 19.19
C ILE A 395 -18.31 -2.73 19.43
N SER A 396 -18.96 -3.32 20.43
CA SER A 396 -20.28 -2.86 20.88
C SER A 396 -20.20 -1.47 21.50
N GLN A 397 -21.21 -0.65 21.20
CA GLN A 397 -21.35 0.68 21.76
C GLN A 397 -21.41 0.63 23.29
N ARG A 398 -21.22 1.80 23.90
CA ARG A 398 -21.00 1.95 25.34
C ARG A 398 -21.96 1.10 26.16
N ASN A 399 -21.40 0.33 27.09
CA ASN A 399 -22.19 -0.44 28.05
C ASN A 399 -22.68 0.48 29.18
N SER A 404 -24.33 8.94 32.16
CA SER A 404 -25.61 9.30 32.72
C SER A 404 -25.64 10.79 33.12
N ASP A 405 -26.83 11.37 33.08
CA ASP A 405 -27.04 12.73 33.57
C ASP A 405 -27.00 12.83 35.08
N GLY A 406 -26.99 11.72 35.80
CA GLY A 406 -26.77 11.71 37.24
C GLY A 406 -25.33 11.88 37.63
N LYS A 407 -25.00 11.36 38.82
CA LYS A 407 -23.63 11.37 39.31
C LYS A 407 -22.69 10.69 38.32
N LYS A 408 -21.63 11.39 37.94
CA LYS A 408 -20.60 10.82 37.08
C LYS A 408 -19.81 9.79 37.86
N MET A 409 -19.51 8.67 37.22
CA MET A 409 -18.76 7.61 37.89
C MET A 409 -18.24 6.61 36.87
N VAL A 410 -17.29 5.79 37.33
CA VAL A 410 -17.05 4.45 36.80
C VAL A 410 -17.56 3.47 37.84
N HIS A 411 -18.29 2.44 37.40
CA HIS A 411 -18.71 1.37 38.29
C HIS A 411 -18.52 0.04 37.60
N VAL A 412 -17.88 -0.90 38.28
CA VAL A 412 -17.60 -2.23 37.77
C VAL A 412 -18.01 -3.25 38.83
N GLN A 413 -18.63 -4.35 38.39
CA GLN A 413 -19.33 -5.23 39.33
C GLN A 413 -19.26 -6.68 38.86
N ASP A 414 -18.70 -7.55 39.71
CA ASP A 414 -18.53 -8.98 39.43
C ASP A 414 -17.89 -9.27 38.07
N PHE A 415 -17.10 -8.33 37.56
CA PHE A 415 -16.71 -8.35 36.15
C PHE A 415 -15.69 -9.46 35.89
N THR A 416 -15.95 -10.27 34.86
CA THR A 416 -14.99 -11.22 34.33
C THR A 416 -14.96 -11.10 32.82
N ALA A 417 -13.76 -11.21 32.23
CA ALA A 417 -13.61 -11.04 30.80
C ALA A 417 -12.41 -11.83 30.30
N PHE A 418 -12.41 -12.12 29.00
CA PHE A 418 -11.36 -12.89 28.35
C PHE A 418 -10.93 -12.16 27.09
N TRP A 419 -9.63 -11.98 26.92
CA TRP A 419 -9.11 -11.52 25.63
C TRP A 419 -9.22 -12.61 24.58
N ASP A 420 -8.92 -13.85 24.96
CA ASP A 420 -9.08 -15.02 24.11
C ASP A 420 -10.30 -15.80 24.60
N LYS A 421 -11.24 -16.04 23.69
CA LYS A 421 -12.60 -16.41 24.08
C LYS A 421 -12.64 -17.71 24.86
N ALA A 422 -11.66 -18.58 24.66
CA ALA A 422 -11.74 -19.95 25.16
C ALA A 422 -10.33 -20.48 25.41
N SER A 423 -10.28 -21.65 26.05
CA SER A 423 -9.05 -22.36 26.38
C SER A 423 -8.14 -21.59 27.32
N GLU A 424 -8.69 -20.64 28.08
CA GLU A 424 -7.87 -19.73 28.87
C GLU A 424 -8.49 -19.56 30.25
N THR A 425 -7.66 -19.12 31.20
CA THR A 425 -8.16 -18.49 32.40
C THR A 425 -8.63 -17.07 32.08
N PRO A 426 -9.58 -16.53 32.85
CA PRO A 426 -10.04 -15.17 32.59
C PRO A 426 -8.92 -14.15 32.72
N THR A 427 -8.94 -13.17 31.82
CA THR A 427 -7.99 -12.06 31.92
C THR A 427 -8.26 -11.25 33.18
N LEU A 428 -9.53 -11.09 33.54
CA LEU A 428 -9.94 -10.38 34.75
C LEU A 428 -11.05 -11.16 35.40
N GLN A 429 -11.05 -11.20 36.73
CA GLN A 429 -12.03 -11.99 37.45
C GLN A 429 -12.41 -11.31 38.75
N GLY A 430 -13.72 -11.20 39.00
CA GLY A 430 -14.20 -10.68 40.27
C GLY A 430 -14.07 -9.18 40.47
N LEU A 431 -13.63 -8.43 39.46
CA LEU A 431 -13.44 -6.99 39.62
C LEU A 431 -14.71 -6.33 40.12
N SER A 432 -14.60 -5.60 41.24
CA SER A 432 -15.77 -5.04 41.91
C SER A 432 -15.35 -3.73 42.57
N PHE A 433 -15.23 -2.68 41.76
CA PHE A 433 -14.73 -1.40 42.24
C PHE A 433 -15.58 -0.29 41.65
N THR A 434 -15.61 0.85 42.35
CA THR A 434 -16.21 2.06 41.83
C THR A 434 -15.40 3.26 42.27
N VAL A 435 -15.46 4.33 41.47
CA VAL A 435 -14.63 5.50 41.69
C VAL A 435 -15.35 6.76 41.23
N ARG A 436 -15.55 7.70 42.15
CA ARG A 436 -16.33 8.91 41.94
C ARG A 436 -15.41 10.12 41.84
N PRO A 437 -15.91 11.24 41.30
CA PRO A 437 -15.05 12.43 41.18
C PRO A 437 -14.53 12.90 42.52
N GLY A 438 -13.26 13.31 42.54
CA GLY A 438 -12.53 13.52 43.77
C GLY A 438 -11.79 12.32 44.32
N GLU A 439 -11.71 11.24 43.55
CA GLU A 439 -10.97 10.05 43.96
C GLU A 439 -9.99 9.67 42.86
N LEU A 440 -8.81 9.19 43.27
CA LEU A 440 -7.87 8.52 42.39
C LEU A 440 -7.76 7.06 42.84
N LEU A 441 -8.03 6.14 41.93
CA LEU A 441 -7.81 4.72 42.16
C LEU A 441 -6.49 4.29 41.53
N ALA A 442 -5.56 3.84 42.36
CA ALA A 442 -4.33 3.23 41.89
C ALA A 442 -4.53 1.73 41.74
N VAL A 443 -4.24 1.20 40.55
CA VAL A 443 -4.26 -0.24 40.31
C VAL A 443 -2.83 -0.73 40.11
N VAL A 444 -2.47 -1.78 40.84
CA VAL A 444 -1.09 -2.14 41.11
C VAL A 444 -0.96 -3.66 41.01
N GLY A 445 0.23 -4.14 40.67
CA GLY A 445 0.49 -5.55 40.66
C GLY A 445 1.54 -5.99 39.66
N PRO A 446 1.90 -7.28 39.72
CA PRO A 446 2.98 -7.80 38.85
C PRO A 446 2.79 -7.57 37.37
N VAL A 447 3.86 -7.83 36.61
CA VAL A 447 3.80 -7.80 35.16
C VAL A 447 2.74 -8.79 34.66
N GLY A 448 1.93 -8.33 33.70
CA GLY A 448 0.84 -9.14 33.18
C GLY A 448 -0.34 -9.39 34.09
N ALA A 449 -0.45 -8.67 35.21
CA ALA A 449 -1.46 -9.01 36.20
C ALA A 449 -2.88 -8.63 35.79
N GLY A 450 -3.05 -7.71 34.84
CA GLY A 450 -4.38 -7.28 34.43
C GLY A 450 -4.65 -5.80 34.53
N LYS A 451 -3.66 -4.99 34.91
CA LYS A 451 -3.88 -3.56 35.15
C LYS A 451 -4.37 -2.83 33.90
N SER A 452 -3.66 -2.98 32.78
CA SER A 452 -4.11 -2.36 31.54
C SER A 452 -5.37 -3.02 30.98
N SER A 453 -5.55 -4.32 31.21
CA SER A 453 -6.82 -4.95 30.85
C SER A 453 -7.98 -4.38 31.64
N LEU A 454 -7.75 -4.00 32.90
CA LEU A 454 -8.78 -3.33 33.67
C LEU A 454 -9.14 -1.98 33.08
N LEU A 455 -8.15 -1.20 32.66
CA LEU A 455 -8.45 0.01 31.90
C LEU A 455 -9.17 -0.31 30.60
N SER A 456 -8.79 -1.40 29.93
CA SER A 456 -9.48 -1.80 28.72
C SER A 456 -10.91 -2.25 29.00
N ALA A 457 -11.18 -2.73 30.21
CA ALA A 457 -12.55 -3.04 30.60
C ALA A 457 -13.37 -1.77 30.80
N VAL A 458 -12.85 -0.82 31.59
CA VAL A 458 -13.52 0.46 31.75
C VAL A 458 -13.68 1.16 30.41
N LEU A 459 -12.65 1.11 29.57
CA LEU A 459 -12.72 1.69 28.23
C LEU A 459 -13.64 0.92 27.29
N GLY A 460 -14.07 -0.28 27.66
CA GLY A 460 -15.00 -1.04 26.86
C GLY A 460 -14.36 -1.82 25.72
N GLU A 461 -13.04 -1.82 25.62
CA GLU A 461 -12.33 -2.59 24.59
C GLU A 461 -12.34 -4.07 24.90
N LEU A 462 -12.49 -4.44 26.16
CA LEU A 462 -12.59 -5.82 26.61
C LEU A 462 -14.00 -6.03 27.13
N ALA A 463 -14.83 -6.72 26.34
CA ALA A 463 -16.23 -6.86 26.67
C ALA A 463 -16.42 -7.82 27.83
N PRO A 464 -17.35 -7.51 28.75
CA PRO A 464 -17.65 -8.43 29.86
C PRO A 464 -18.26 -9.73 29.37
N SER A 465 -17.75 -10.84 29.90
CA SER A 465 -18.40 -12.14 29.80
C SER A 465 -19.37 -12.37 30.96
N HIS A 466 -19.09 -11.74 32.10
CA HIS A 466 -19.98 -11.74 33.25
C HIS A 466 -19.84 -10.40 33.96
N GLY A 467 -20.86 -10.05 34.73
CA GLY A 467 -20.87 -8.76 35.39
C GLY A 467 -21.11 -7.64 34.40
N LEU A 468 -20.94 -6.41 34.88
CA LEU A 468 -21.30 -5.24 34.09
C LEU A 468 -20.29 -4.11 34.31
N VAL A 469 -20.28 -3.18 33.35
CA VAL A 469 -19.51 -1.95 33.40
C VAL A 469 -20.45 -0.79 33.08
N SER A 470 -20.39 0.27 33.88
CA SER A 470 -21.07 1.50 33.54
C SER A 470 -20.11 2.67 33.68
N VAL A 471 -20.13 3.56 32.70
CA VAL A 471 -19.16 4.64 32.53
C VAL A 471 -19.96 5.90 32.25
N HIS A 472 -20.08 6.77 33.25
CA HIS A 472 -20.86 8.00 33.13
C HIS A 472 -19.88 9.17 33.08
N GLY A 473 -19.43 9.48 31.87
CA GLY A 473 -18.49 10.56 31.64
C GLY A 473 -17.72 10.32 30.37
N ARG A 474 -17.06 11.38 29.91
CA ARG A 474 -16.15 11.26 28.78
C ARG A 474 -14.74 10.92 29.26
N ILE A 475 -14.12 9.97 28.56
CA ILE A 475 -12.85 9.38 28.95
C ILE A 475 -11.70 10.11 28.27
N ALA A 476 -10.57 10.20 28.97
CA ALA A 476 -9.27 10.42 28.35
C ALA A 476 -8.39 9.24 28.70
N TYR A 477 -7.85 8.57 27.69
CA TYR A 477 -7.01 7.37 27.87
C TYR A 477 -5.56 7.69 27.55
N VAL A 478 -4.68 7.45 28.52
CA VAL A 478 -3.25 7.66 28.35
C VAL A 478 -2.60 6.28 28.21
N SER A 479 -2.46 5.82 26.97
CA SER A 479 -2.11 4.43 26.72
C SER A 479 -0.69 4.12 27.20
N GLN A 480 -0.46 2.85 27.50
CA GLN A 480 0.82 2.44 28.11
C GLN A 480 1.97 2.63 27.14
N GLN A 481 1.79 2.24 25.89
CA GLN A 481 2.67 2.75 24.84
C GLN A 481 2.19 4.12 24.41
N PRO A 482 3.06 5.12 24.36
CA PRO A 482 2.63 6.46 23.95
C PRO A 482 2.28 6.51 22.47
N TRP A 483 0.99 6.66 22.16
CA TRP A 483 0.60 7.01 20.81
C TRP A 483 0.96 8.46 20.51
N VAL A 484 1.65 8.66 19.40
CA VAL A 484 1.93 9.99 18.85
C VAL A 484 1.86 9.87 17.34
N PHE A 485 1.32 10.90 16.69
CA PHE A 485 1.03 10.84 15.27
C PHE A 485 1.74 11.97 14.54
N SER A 486 1.93 11.78 13.24
CA SER A 486 2.59 12.75 12.38
C SER A 486 1.88 14.09 12.42
N GLY A 487 2.62 15.12 12.82
CA GLY A 487 2.04 16.44 13.01
C GLY A 487 3.04 17.34 13.72
N THR A 488 2.53 18.45 14.22
CA THR A 488 3.29 19.25 15.18
C THR A 488 3.07 18.74 16.59
N LEU A 489 4.03 19.06 17.46
CA LEU A 489 3.87 18.73 18.88
C LEU A 489 2.62 19.38 19.47
N ARG A 490 2.30 20.60 19.02
CA ARG A 490 1.03 21.22 19.41
C ARG A 490 -0.16 20.39 18.95
N SER A 491 -0.20 20.01 17.67
CA SER A 491 -1.31 19.21 17.16
C SER A 491 -1.48 17.92 17.95
N ASN A 492 -0.37 17.27 18.33
CA ASN A 492 -0.45 16.09 19.18
C ASN A 492 -1.08 16.40 20.53
N ILE A 493 -0.91 17.62 21.04
CA ILE A 493 -1.50 18.00 22.31
C ILE A 493 -2.92 18.52 22.15
N LEU A 494 -3.19 19.32 21.11
CA LEU A 494 -4.54 19.81 20.90
C LEU A 494 -5.49 18.68 20.55
N PHE A 495 -5.08 17.81 19.63
CA PHE A 495 -5.89 16.70 19.14
C PHE A 495 -7.26 17.19 18.67
N GLY A 496 -7.24 18.25 17.86
CA GLY A 496 -8.44 18.83 17.30
C GLY A 496 -9.23 19.74 18.21
N LYS A 497 -8.94 19.75 19.51
CA LYS A 497 -9.55 20.72 20.41
C LYS A 497 -9.10 22.14 20.04
N LYS A 498 -9.93 23.12 20.37
CA LYS A 498 -9.59 24.52 20.14
C LYS A 498 -8.28 24.86 20.83
N TYR A 499 -7.51 25.76 20.20
CA TYR A 499 -6.37 26.39 20.87
C TYR A 499 -6.87 27.45 21.85
N GLU A 500 -6.35 27.40 23.07
CA GLU A 500 -6.72 28.35 24.11
C GLU A 500 -5.51 28.55 25.02
N LYS A 501 -4.89 29.73 24.88
CA LYS A 501 -3.51 29.95 25.33
C LYS A 501 -3.29 29.57 26.80
N GLU A 502 -4.16 30.06 27.69
CA GLU A 502 -3.95 29.81 29.12
C GLU A 502 -4.10 28.34 29.47
N ARG A 503 -5.02 27.63 28.82
CA ARG A 503 -5.14 26.20 29.05
C ARG A 503 -3.94 25.44 28.50
N TYR A 504 -3.47 25.82 27.31
CA TYR A 504 -2.31 25.19 26.70
C TYR A 504 -1.04 25.38 27.54
N GLU A 505 -0.79 26.61 27.99
CA GLU A 505 0.36 26.87 28.86
C GLU A 505 0.28 26.11 30.18
N LYS A 506 -0.90 26.02 30.78
CA LYS A 506 -1.07 25.23 32.00
C LYS A 506 -0.69 23.77 31.82
N VAL A 507 -1.16 23.13 30.74
CA VAL A 507 -0.84 21.71 30.55
C VAL A 507 0.63 21.50 30.19
N ILE A 508 1.21 22.35 29.35
CA ILE A 508 2.63 22.16 29.03
C ILE A 508 3.52 22.44 30.23
N LYS A 509 3.11 23.36 31.12
CA LYS A 509 3.81 23.52 32.39
C LYS A 509 3.69 22.27 33.25
N ALA A 510 2.45 21.84 33.51
CA ALA A 510 2.20 20.70 34.38
C ALA A 510 2.84 19.41 33.85
N CYS A 511 2.83 19.21 32.55
CA CYS A 511 3.43 18.02 31.96
C CYS A 511 4.94 18.12 31.74
N ALA A 512 5.61 19.11 32.33
CA ALA A 512 7.06 19.31 32.19
C ALA A 512 7.51 19.38 30.73
N LEU A 513 6.61 19.73 29.81
CA LEU A 513 7.00 19.97 28.43
C LEU A 513 7.53 21.38 28.23
N LYS A 514 7.15 22.32 29.09
CA LYS A 514 7.98 23.49 29.35
C LYS A 514 9.38 23.07 29.77
N LYS A 515 10.37 23.89 29.37
CA LYS A 515 11.78 23.57 29.26
C LYS A 515 12.10 22.67 28.07
N ASP A 516 11.38 21.56 27.90
CA ASP A 516 11.60 20.75 26.71
C ASP A 516 11.23 21.52 25.44
N LEU A 517 10.11 22.24 25.47
CA LEU A 517 9.76 23.14 24.38
C LEU A 517 10.58 24.42 24.39
N GLN A 518 11.38 24.64 25.43
CA GLN A 518 12.34 25.73 25.49
C GLN A 518 13.71 25.30 24.99
N LEU A 519 14.11 24.07 25.30
CA LEU A 519 15.40 23.51 24.91
C LEU A 519 15.37 23.12 23.43
N LEU A 520 15.57 24.12 22.57
CA LEU A 520 15.62 23.95 21.12
C LEU A 520 14.34 23.30 20.62
N GLU A 521 14.39 22.12 19.99
CA GLU A 521 13.28 21.46 19.33
C GLU A 521 12.65 22.29 18.22
N ASP A 522 13.22 23.46 17.92
CA ASP A 522 12.50 24.55 17.24
C ASP A 522 11.28 25.00 18.02
N GLY A 523 11.25 24.71 19.31
CA GLY A 523 10.15 25.12 20.16
C GLY A 523 8.99 24.13 20.10
N ASP A 524 7.81 24.64 20.40
CA ASP A 524 6.57 24.05 19.91
C ASP A 524 6.49 24.17 18.39
N LEU A 525 5.44 23.58 17.82
CA LEU A 525 5.21 23.44 16.38
C LEU A 525 6.27 22.59 15.69
N THR A 526 7.14 21.92 16.44
CA THR A 526 8.11 21.02 15.82
C THR A 526 7.40 19.90 15.08
N VAL A 527 7.79 19.67 13.83
CA VAL A 527 7.27 18.54 13.08
C VAL A 527 7.79 17.24 13.67
N ILE A 528 6.91 16.26 13.81
CA ILE A 528 7.24 14.97 14.39
C ILE A 528 6.88 13.87 13.39
N GLY A 529 7.77 12.91 13.22
CA GLY A 529 7.52 11.79 12.35
C GLY A 529 6.52 10.81 12.94
N ASP A 530 6.05 9.92 12.06
CA ASP A 530 5.09 8.90 12.46
C ASP A 530 5.58 8.12 13.69
N ARG A 531 4.64 7.62 14.46
CA ARG A 531 4.87 6.93 15.73
C ARG A 531 5.64 7.78 16.74
N GLY A 532 5.79 9.07 16.49
CA GLY A 532 6.63 9.91 17.34
C GLY A 532 8.10 9.55 17.31
N THR A 533 8.60 9.02 16.19
CA THR A 533 9.94 8.46 16.15
C THR A 533 11.00 9.53 16.43
N THR A 534 10.73 10.77 16.09
CA THR A 534 11.68 11.86 16.34
C THR A 534 11.51 12.48 17.71
N LEU A 535 11.29 11.67 18.74
CA LEU A 535 11.18 12.12 20.12
C LEU A 535 11.80 11.07 21.03
N SER A 536 12.24 11.50 22.20
CA SER A 536 12.66 10.53 23.20
C SER A 536 11.46 9.80 23.80
N GLY A 537 11.73 8.68 24.45
CA GLY A 537 10.65 7.83 24.93
C GLY A 537 9.81 8.47 26.02
N GLY A 538 10.46 9.10 26.99
CA GLY A 538 9.78 9.84 28.04
C GLY A 538 9.30 11.22 27.67
N GLN A 539 9.63 11.70 26.48
CA GLN A 539 9.13 12.98 25.99
C GLN A 539 7.83 12.83 25.20
N LYS A 540 7.78 11.87 24.29
CA LYS A 540 6.52 11.47 23.66
C LYS A 540 5.52 10.91 24.66
N ALA A 541 6.00 10.30 25.75
CA ALA A 541 5.09 9.90 26.84
C ALA A 541 4.43 11.10 27.52
N ARG A 542 5.11 12.24 27.61
CA ARG A 542 4.51 13.41 28.22
C ARG A 542 3.68 14.24 27.23
N VAL A 543 4.02 14.18 25.94
CA VAL A 543 3.09 14.63 24.90
C VAL A 543 1.80 13.82 24.95
N ASN A 544 1.93 12.50 25.12
CA ASN A 544 0.77 11.62 25.22
C ASN A 544 -0.08 11.90 26.46
N LEU A 545 0.56 12.20 27.60
CA LEU A 545 -0.17 12.66 28.77
C LEU A 545 -0.77 14.05 28.56
N ALA A 546 -0.01 14.98 27.99
CA ALA A 546 -0.50 16.35 27.83
C ALA A 546 -1.75 16.42 26.94
N ARG A 547 -1.81 15.58 25.91
CA ARG A 547 -3.04 15.47 25.11
C ARG A 547 -4.26 15.18 25.97
N ALA A 548 -4.18 14.16 26.83
CA ALA A 548 -5.31 13.80 27.66
C ALA A 548 -5.72 14.91 28.62
N VAL A 549 -4.76 15.58 29.25
CA VAL A 549 -5.08 16.65 30.18
C VAL A 549 -5.69 17.84 29.45
N TYR A 550 -5.25 18.11 28.23
CA TYR A 550 -5.85 19.19 27.45
C TYR A 550 -7.29 18.88 27.04
N GLN A 551 -7.64 17.60 26.85
CA GLN A 551 -9.01 17.27 26.51
C GLN A 551 -10.00 17.58 27.64
N ASP A 552 -9.52 17.79 28.86
CA ASP A 552 -10.37 18.14 30.00
C ASP A 552 -11.52 17.14 30.18
N ALA A 553 -11.20 15.85 30.07
CA ALA A 553 -12.20 14.81 30.17
C ALA A 553 -12.73 14.70 31.60
N ASP A 554 -13.67 13.78 31.81
CA ASP A 554 -14.21 13.48 33.13
C ASP A 554 -13.54 12.29 33.78
N ILE A 555 -13.20 11.27 33.01
CA ILE A 555 -12.62 10.03 33.52
C ILE A 555 -11.24 9.89 32.89
N TYR A 556 -10.21 9.81 33.72
CA TYR A 556 -8.83 9.70 33.25
C TYR A 556 -8.31 8.29 33.49
N LEU A 557 -7.93 7.61 32.41
CA LEU A 557 -7.41 6.24 32.44
C LEU A 557 -5.91 6.32 32.15
N LEU A 558 -5.11 6.43 33.21
CA LEU A 558 -3.68 6.70 33.11
C LEU A 558 -2.91 5.38 33.18
N ASP A 559 -2.49 4.89 32.01
CA ASP A 559 -1.86 3.57 31.90
C ASP A 559 -0.35 3.63 32.15
N ASP A 560 0.01 4.14 33.34
CA ASP A 560 1.40 4.36 33.74
C ASP A 560 2.17 5.31 32.83
N PRO A 561 1.86 6.61 32.86
CA PRO A 561 2.70 7.58 32.15
C PRO A 561 4.00 7.93 32.87
N LEU A 562 4.16 7.54 34.12
CA LEU A 562 5.27 7.96 34.96
C LEU A 562 6.53 7.10 34.86
N SER A 563 6.40 5.80 34.62
CA SER A 563 7.58 4.95 34.44
C SER A 563 8.42 5.34 33.23
N ALA A 564 7.86 6.09 32.29
CA ALA A 564 8.62 6.55 31.13
C ALA A 564 9.56 7.72 31.41
N VAL A 565 9.49 8.36 32.57
CA VAL A 565 10.12 9.66 32.77
C VAL A 565 11.00 9.65 34.01
N ASP A 566 11.92 10.62 34.04
CA ASP A 566 12.91 10.77 35.10
C ASP A 566 12.24 10.89 36.48
N ALA A 567 13.02 10.52 37.50
CA ALA A 567 12.54 10.55 38.88
C ALA A 567 12.02 11.93 39.28
N GLU A 568 12.76 12.98 38.94
CA GLU A 568 12.31 14.33 39.26
C GLU A 568 11.10 14.73 38.44
N VAL A 569 11.10 14.42 37.13
CA VAL A 569 9.96 14.69 36.29
C VAL A 569 8.75 13.86 36.70
N SER A 570 8.97 12.64 37.20
CA SER A 570 7.86 11.82 37.67
C SER A 570 7.19 12.42 38.90
N ARG A 571 7.96 12.92 39.86
CA ARG A 571 7.37 13.65 40.98
C ARG A 571 6.69 14.92 40.51
N HIS A 572 7.33 15.65 39.59
CA HIS A 572 6.75 16.85 39.01
C HIS A 572 5.39 16.58 38.36
N LEU A 573 5.33 15.54 37.53
CA LEU A 573 4.07 15.13 36.92
C LEU A 573 3.01 14.77 37.96
N PHE A 574 3.36 13.93 38.93
CA PHE A 574 2.36 13.47 39.89
C PHE A 574 1.80 14.62 40.73
N GLU A 575 2.64 15.56 41.15
CA GLU A 575 2.15 16.73 41.87
C GLU A 575 1.42 17.72 40.99
N LEU A 576 2.14 18.35 40.06
CA LEU A 576 1.62 19.52 39.36
C LEU A 576 0.67 19.20 38.22
N CYS A 577 0.59 17.95 37.78
CA CYS A 577 -0.37 17.54 36.76
C CYS A 577 -1.47 16.66 37.35
N ILE A 578 -1.14 15.44 37.78
CA ILE A 578 -2.17 14.50 38.20
C ILE A 578 -2.89 14.97 39.47
N CYS A 579 -2.14 15.36 40.50
CA CYS A 579 -2.79 15.80 41.73
C CYS A 579 -3.42 17.18 41.62
N GLN A 580 -2.75 18.13 40.98
CA GLN A 580 -3.35 19.46 40.82
C GLN A 580 -4.51 19.44 39.83
N ILE A 581 -4.26 18.98 38.60
CA ILE A 581 -5.23 19.16 37.53
C ILE A 581 -6.30 18.08 37.55
N LEU A 582 -5.92 16.83 37.78
CA LEU A 582 -6.82 15.70 37.60
C LEU A 582 -7.52 15.23 38.86
N HIS A 583 -7.05 15.59 40.06
CA HIS A 583 -7.60 14.97 41.26
C HIS A 583 -9.04 15.38 41.52
N GLU A 584 -9.53 16.44 40.88
CA GLU A 584 -10.97 16.71 40.92
C GLU A 584 -11.76 15.87 39.92
N LYS A 585 -11.09 15.29 38.92
CA LYS A 585 -11.72 14.38 37.99
C LYS A 585 -11.88 13.00 38.62
N ILE A 586 -12.33 12.04 37.83
CA ILE A 586 -12.17 10.62 38.14
C ILE A 586 -10.87 10.15 37.50
N THR A 587 -10.02 9.50 38.30
CA THR A 587 -8.75 8.99 37.80
C THR A 587 -8.53 7.55 38.23
N ILE A 588 -8.12 6.71 37.29
CA ILE A 588 -7.57 5.40 37.56
C ILE A 588 -6.14 5.41 37.05
N LEU A 589 -5.19 5.13 37.94
CA LEU A 589 -3.77 5.22 37.63
C LEU A 589 -3.11 3.85 37.76
N VAL A 590 -2.72 3.26 36.64
CA VAL A 590 -1.81 2.13 36.65
C VAL A 590 -0.41 2.64 37.01
N THR A 591 0.21 2.02 38.01
CA THR A 591 1.52 2.52 38.43
C THR A 591 2.29 1.44 39.17
N HIS A 592 3.60 1.67 39.27
CA HIS A 592 4.49 0.88 40.10
C HIS A 592 5.16 1.71 41.19
N GLN A 593 4.97 3.03 41.17
CA GLN A 593 5.70 3.96 42.04
C GLN A 593 4.98 4.04 43.39
N LEU A 594 5.33 3.09 44.26
CA LEU A 594 4.73 3.01 45.58
C LEU A 594 4.77 4.33 46.33
N GLN A 595 5.79 5.15 46.09
CA GLN A 595 5.88 6.46 46.71
C GLN A 595 4.67 7.34 46.42
N TYR A 596 3.91 7.07 45.37
CA TYR A 596 2.71 7.84 45.08
C TYR A 596 1.43 7.16 45.58
N LEU A 597 1.49 5.86 45.91
CA LEU A 597 0.30 5.15 46.33
C LEU A 597 -0.30 5.72 47.61
N LYS A 598 0.54 6.34 48.45
CA LYS A 598 0.07 7.05 49.64
C LYS A 598 -0.94 8.14 49.31
N ALA A 599 -0.93 8.67 48.09
CA ALA A 599 -1.84 9.74 47.70
C ALA A 599 -3.11 9.23 47.02
N ALA A 600 -3.18 7.94 46.68
CA ALA A 600 -4.37 7.40 46.04
C ALA A 600 -5.52 7.26 47.03
N SER A 601 -6.71 7.63 46.58
CA SER A 601 -7.92 7.52 47.40
C SER A 601 -8.31 6.06 47.62
N GLN A 602 -8.04 5.20 46.64
CA GLN A 602 -8.15 3.76 46.80
C GLN A 602 -6.99 3.11 46.06
N ILE A 603 -6.54 1.96 46.56
CA ILE A 603 -5.55 1.14 45.88
C ILE A 603 -6.10 -0.26 45.66
N LEU A 604 -5.82 -0.81 44.49
CA LEU A 604 -6.30 -2.13 44.07
C LEU A 604 -5.12 -2.90 43.53
N ILE A 605 -4.84 -4.06 44.12
CA ILE A 605 -3.73 -4.92 43.69
C ILE A 605 -4.29 -6.12 42.95
N LEU A 606 -3.70 -6.43 41.80
CA LEU A 606 -4.10 -7.54 40.95
C LEU A 606 -3.01 -8.60 40.92
N LYS A 607 -3.42 -9.87 40.96
CA LYS A 607 -2.56 -10.97 40.56
C LYS A 607 -3.33 -11.91 39.66
N ASP A 608 -2.73 -12.23 38.50
CA ASP A 608 -3.33 -13.09 37.48
C ASP A 608 -4.79 -12.75 37.23
N GLY A 609 -5.08 -11.45 37.09
CA GLY A 609 -6.43 -10.98 36.87
C GLY A 609 -7.33 -10.91 38.07
N LYS A 610 -6.99 -11.58 39.17
CA LYS A 610 -7.83 -11.53 40.36
C LYS A 610 -7.62 -10.25 41.15
N MET A 611 -8.72 -9.68 41.64
CA MET A 611 -8.67 -8.64 42.65
C MET A 611 -8.19 -9.24 43.97
N VAL A 612 -6.94 -8.95 44.33
CA VAL A 612 -6.35 -9.57 45.51
C VAL A 612 -6.76 -8.82 46.77
N GLN A 613 -6.57 -7.50 46.78
CA GLN A 613 -7.05 -6.64 47.86
C GLN A 613 -7.43 -5.29 47.29
N LYS A 614 -8.31 -4.60 48.02
CA LYS A 614 -8.77 -3.27 47.64
C LYS A 614 -9.00 -2.43 48.88
N GLY A 615 -8.43 -1.22 48.92
CA GLY A 615 -8.52 -0.40 50.11
C GLY A 615 -7.64 0.84 50.14
N THR A 616 -6.96 1.06 51.25
CA THR A 616 -6.14 2.26 51.45
C THR A 616 -4.70 1.89 51.78
N TYR A 617 -3.77 2.73 51.29
CA TYR A 617 -2.36 2.58 51.64
C TYR A 617 -2.14 2.50 53.15
N THR A 618 -2.90 3.26 53.92
CA THR A 618 -2.79 3.22 55.38
C THR A 618 -3.17 1.86 55.97
N GLU A 619 -3.82 1.00 55.20
CA GLU A 619 -4.17 -0.34 55.66
C GLU A 619 -3.51 -1.47 54.88
N PHE A 620 -3.07 -1.23 53.64
CA PHE A 620 -2.35 -2.26 52.91
C PHE A 620 -0.99 -2.57 53.53
N LEU A 621 -0.29 -1.54 54.00
CA LEU A 621 1.00 -1.74 54.65
C LEU A 621 0.84 -2.07 56.13
N GLU A 688 8.45 17.90 0.40
CA GLU A 688 7.69 16.66 0.48
C GLU A 688 7.01 16.39 -0.87
N GLU A 689 6.99 17.41 -1.72
CA GLU A 689 6.37 17.33 -3.05
C GLU A 689 7.26 16.55 -4.02
N ASN A 690 7.57 15.32 -3.61
CA ASN A 690 8.56 14.49 -4.30
C ASN A 690 7.94 13.91 -5.57
N ARG A 691 7.93 14.74 -6.61
CA ARG A 691 7.38 14.38 -7.91
C ARG A 691 8.34 14.90 -8.98
N SER A 692 8.77 14.00 -9.87
CA SER A 692 9.70 14.36 -10.93
C SER A 692 9.08 15.37 -11.88
N GLU A 693 9.96 16.13 -12.55
CA GLU A 693 9.55 17.37 -13.20
C GLU A 693 8.95 17.14 -14.58
N GLY A 694 9.34 16.06 -15.26
CA GLY A 694 9.08 15.99 -16.68
C GLY A 694 8.97 14.59 -17.27
N LYS A 695 9.64 14.37 -18.41
CA LYS A 695 9.57 13.10 -19.11
C LYS A 695 10.01 11.93 -18.23
N VAL A 696 9.43 10.77 -18.50
CA VAL A 696 10.01 9.47 -18.14
C VAL A 696 11.13 9.18 -19.12
N GLY A 697 12.37 9.46 -18.71
CA GLY A 697 13.49 9.38 -19.63
C GLY A 697 13.71 7.98 -20.16
N PHE A 698 14.38 7.93 -21.33
CA PHE A 698 14.78 6.68 -21.95
C PHE A 698 15.51 5.76 -20.98
N GLN A 699 16.29 6.33 -20.07
CA GLN A 699 17.00 5.53 -19.05
C GLN A 699 16.03 4.71 -18.20
N ALA A 700 14.88 5.28 -17.85
CA ALA A 700 13.89 4.55 -17.07
C ALA A 700 13.29 3.38 -17.83
N TYR A 701 13.03 3.55 -19.14
CA TYR A 701 12.64 2.42 -19.96
C TYR A 701 13.74 1.37 -20.03
N LYS A 702 14.97 1.80 -20.31
CA LYS A 702 16.10 0.89 -20.35
C LYS A 702 16.28 0.12 -19.05
N ASN A 703 16.14 0.80 -17.91
CA ASN A 703 16.16 0.12 -16.62
C ASN A 703 15.02 -0.88 -16.46
N TYR A 704 13.80 -0.50 -16.84
CA TYR A 704 12.69 -1.45 -16.77
C TYR A 704 12.93 -2.69 -17.62
N PHE A 705 13.52 -2.52 -18.80
CA PHE A 705 13.82 -3.66 -19.66
C PHE A 705 15.04 -4.44 -19.22
N ARG A 706 16.15 -3.77 -18.91
CA ARG A 706 17.34 -4.47 -18.43
C ARG A 706 17.11 -5.13 -17.09
N ALA A 707 16.18 -4.63 -16.28
CA ALA A 707 15.71 -5.39 -15.12
C ALA A 707 14.99 -6.66 -15.54
N GLY A 708 14.36 -6.66 -16.72
CA GLY A 708 13.64 -7.84 -17.18
C GLY A 708 14.48 -8.95 -17.77
N ALA A 709 15.34 -8.65 -18.75
CA ALA A 709 16.18 -9.67 -19.34
C ALA A 709 17.36 -9.01 -20.05
N HIS A 710 18.36 -9.83 -20.36
CA HIS A 710 19.49 -9.43 -21.18
C HIS A 710 19.03 -9.02 -22.58
N TRP A 711 19.77 -8.08 -23.18
CA TRP A 711 19.38 -7.48 -24.46
C TRP A 711 19.18 -8.51 -25.56
N ILE A 712 19.91 -9.63 -25.53
CA ILE A 712 19.71 -10.67 -26.52
C ILE A 712 18.27 -11.20 -26.51
N VAL A 713 17.64 -11.25 -25.34
CA VAL A 713 16.23 -11.63 -25.30
C VAL A 713 15.34 -10.58 -25.94
N PHE A 714 15.69 -9.30 -25.79
CA PHE A 714 14.93 -8.24 -26.46
C PHE A 714 15.19 -8.18 -27.96
N ILE A 715 16.41 -8.50 -28.41
CA ILE A 715 16.64 -8.66 -29.85
C ILE A 715 15.80 -9.81 -30.39
N PHE A 716 15.84 -10.95 -29.71
CA PHE A 716 14.97 -12.08 -30.04
C PHE A 716 13.50 -11.69 -30.01
N LEU A 717 13.10 -10.93 -28.99
CA LEU A 717 11.72 -10.46 -28.90
C LEU A 717 11.32 -9.54 -30.06
N ILE A 718 12.22 -8.66 -30.49
CA ILE A 718 11.93 -7.83 -31.66
C ILE A 718 11.71 -8.68 -32.90
N LEU A 719 12.58 -9.67 -33.13
CA LEU A 719 12.41 -10.58 -34.25
C LEU A 719 11.11 -11.38 -34.13
N LEU A 720 10.81 -11.87 -32.93
CA LEU A 720 9.57 -12.61 -32.70
C LEU A 720 8.33 -11.74 -32.90
N ASN A 721 8.38 -10.48 -32.46
CA ASN A 721 7.26 -9.56 -32.67
C ASN A 721 6.99 -9.29 -34.15
N THR A 722 8.03 -8.99 -34.92
CA THR A 722 7.84 -8.76 -36.36
C THR A 722 7.47 -10.02 -37.11
N ALA A 723 7.96 -11.19 -36.69
CA ALA A 723 7.54 -12.45 -37.30
C ALA A 723 6.05 -12.70 -37.13
N ALA A 724 5.51 -12.44 -35.94
CA ALA A 724 4.07 -12.52 -35.74
C ALA A 724 3.30 -11.58 -36.67
N GLN A 725 3.66 -10.30 -36.70
CA GLN A 725 2.92 -9.33 -37.51
C GLN A 725 3.04 -9.62 -39.01
N VAL A 726 4.23 -10.01 -39.49
CA VAL A 726 4.38 -10.33 -40.90
C VAL A 726 3.47 -11.49 -41.30
N ALA A 727 3.45 -12.55 -40.49
CA ALA A 727 2.56 -13.68 -40.75
C ALA A 727 1.10 -13.27 -40.74
N TYR A 728 0.72 -12.38 -39.83
CA TYR A 728 -0.65 -11.88 -39.77
C TYR A 728 -1.05 -11.10 -41.01
N VAL A 729 -0.24 -10.11 -41.40
CA VAL A 729 -0.58 -9.30 -42.56
C VAL A 729 -0.43 -10.05 -43.88
N LEU A 730 0.46 -11.04 -43.95
CA LEU A 730 0.50 -11.91 -45.13
C LEU A 730 -0.78 -12.71 -45.37
N GLN A 731 -1.61 -12.94 -44.34
CA GLN A 731 -2.92 -13.53 -44.59
C GLN A 731 -3.86 -12.55 -45.30
N ASP A 732 -3.80 -11.27 -44.95
CA ASP A 732 -4.56 -10.27 -45.69
C ASP A 732 -4.17 -10.25 -47.16
N TRP A 733 -2.87 -10.26 -47.42
CA TRP A 733 -2.35 -10.26 -48.79
C TRP A 733 -2.65 -11.58 -49.52
N TRP A 734 -2.50 -12.70 -48.83
CA TRP A 734 -2.69 -14.00 -49.47
C TRP A 734 -4.13 -14.22 -49.91
N LEU A 735 -5.11 -13.84 -49.09
CA LEU A 735 -6.50 -13.88 -49.55
C LEU A 735 -6.70 -12.99 -50.78
N SER A 736 -6.07 -11.81 -50.80
CA SER A 736 -6.14 -10.95 -51.97
C SER A 736 -5.46 -11.59 -53.17
N TYR A 737 -4.24 -12.10 -52.98
CA TYR A 737 -3.52 -12.78 -54.06
C TYR A 737 -4.28 -14.00 -54.55
N TRP A 738 -4.78 -14.82 -53.63
CA TRP A 738 -5.61 -15.96 -54.02
C TRP A 738 -6.84 -15.52 -54.80
N ALA A 739 -7.59 -14.56 -54.26
CA ALA A 739 -8.75 -14.02 -54.96
C ALA A 739 -8.39 -13.47 -56.34
N ASN A 740 -7.29 -12.72 -56.44
CA ASN A 740 -6.85 -12.16 -57.72
C ASN A 740 -6.24 -13.18 -58.68
N LYS A 741 -6.21 -14.46 -58.33
CA LYS A 741 -5.86 -15.50 -59.28
C LYS A 741 -6.92 -16.57 -59.47
N GLN A 742 -7.88 -16.68 -58.54
CA GLN A 742 -9.11 -17.41 -58.83
C GLN A 742 -10.05 -16.61 -59.73
N SER A 743 -10.06 -15.28 -59.61
CA SER A 743 -10.63 -14.43 -60.65
C SER A 743 -9.66 -14.35 -61.81
N MET A 744 -9.93 -15.12 -62.87
CA MET A 744 -9.06 -15.17 -64.03
C MET A 744 -9.89 -15.45 -65.28
N LEU A 745 -9.33 -15.09 -66.43
CA LEU A 745 -10.01 -15.13 -67.72
C LEU A 745 -9.96 -16.50 -68.37
N ASN A 746 -9.21 -17.45 -67.82
CA ASN A 746 -8.96 -18.74 -68.45
C ASN A 746 -10.11 -19.73 -68.29
N VAL A 747 -11.26 -19.29 -67.78
CA VAL A 747 -12.45 -20.13 -67.75
C VAL A 747 -13.06 -20.19 -69.14
N THR A 748 -12.34 -20.81 -70.07
CA THR A 748 -12.78 -20.86 -71.47
C THR A 748 -14.06 -21.66 -71.65
N VAL A 749 -14.26 -22.70 -70.83
CA VAL A 749 -15.56 -23.37 -70.74
C VAL A 749 -15.74 -23.99 -69.36
N ASN A 750 -16.60 -23.38 -68.56
CA ASN A 750 -16.68 -23.71 -67.13
C ASN A 750 -17.11 -25.15 -66.90
N GLY A 751 -17.98 -25.69 -67.76
CA GLY A 751 -18.36 -27.08 -67.65
C GLY A 751 -17.28 -28.08 -68.05
N GLY A 752 -16.21 -27.61 -68.70
CA GLY A 752 -15.17 -28.53 -69.16
C GLY A 752 -14.20 -28.97 -68.10
N GLY A 753 -14.28 -28.40 -66.90
CA GLY A 753 -13.38 -28.80 -65.82
C GLY A 753 -11.93 -28.44 -66.09
N ASN A 754 -11.04 -29.42 -65.90
CA ASN A 754 -9.60 -29.22 -65.99
C ASN A 754 -9.11 -28.87 -67.39
N VAL A 755 -9.98 -28.77 -68.39
CA VAL A 755 -9.59 -28.05 -69.60
C VAL A 755 -9.35 -26.58 -69.31
N THR A 756 -10.06 -26.03 -68.31
CA THR A 756 -9.80 -24.71 -67.78
C THR A 756 -8.72 -24.75 -66.69
N GLU A 757 -8.12 -23.59 -66.46
CA GLU A 757 -7.08 -23.42 -65.44
C GLU A 757 -7.70 -23.34 -64.05
N LYS A 758 -8.40 -24.42 -63.68
CA LYS A 758 -8.89 -24.56 -62.32
C LYS A 758 -7.73 -24.47 -61.33
N LEU A 759 -7.95 -23.74 -60.25
CA LEU A 759 -6.87 -23.36 -59.36
C LEU A 759 -6.39 -24.55 -58.51
N ASP A 760 -5.10 -24.51 -58.17
CA ASP A 760 -4.46 -25.54 -57.33
C ASP A 760 -4.91 -25.40 -55.88
N LEU A 761 -6.14 -25.83 -55.61
CA LEU A 761 -6.75 -25.63 -54.30
C LEU A 761 -5.92 -26.22 -53.16
N ASN A 762 -5.27 -27.36 -53.40
CA ASN A 762 -4.37 -27.95 -52.41
C ASN A 762 -3.15 -27.09 -52.13
N TRP A 763 -2.63 -26.42 -53.15
CA TRP A 763 -1.51 -25.50 -52.96
C TRP A 763 -1.91 -24.25 -52.20
N TYR A 764 -3.01 -23.62 -52.61
CA TYR A 764 -3.50 -22.40 -51.96
C TYR A 764 -3.93 -22.63 -50.52
N LEU A 765 -4.71 -23.68 -50.26
CA LEU A 765 -5.04 -24.01 -48.88
C LEU A 765 -3.83 -24.49 -48.08
N GLY A 766 -2.84 -25.09 -48.73
CA GLY A 766 -1.62 -25.43 -48.03
C GLY A 766 -0.86 -24.25 -47.45
N ILE A 767 -0.53 -23.28 -48.30
CA ILE A 767 0.17 -22.07 -47.84
C ILE A 767 -0.69 -21.28 -46.87
N TYR A 768 -1.98 -21.12 -47.18
CA TYR A 768 -2.86 -20.35 -46.31
C TYR A 768 -2.97 -20.96 -44.92
N SER A 769 -3.02 -22.28 -44.82
CA SER A 769 -2.95 -22.94 -43.51
C SER A 769 -1.62 -22.65 -42.82
N GLY A 770 -0.53 -22.76 -43.58
CA GLY A 770 0.79 -22.44 -43.04
C GLY A 770 0.89 -21.04 -42.45
N LEU A 771 0.38 -20.05 -43.18
CA LEU A 771 0.37 -18.68 -42.67
C LEU A 771 -0.45 -18.52 -41.40
N THR A 772 -1.55 -19.25 -41.25
CA THR A 772 -2.29 -19.20 -39.99
C THR A 772 -1.49 -19.76 -38.81
N VAL A 773 -0.89 -20.93 -38.99
CA VAL A 773 -0.15 -21.52 -37.86
C VAL A 773 1.08 -20.66 -37.50
N ALA A 774 1.70 -20.02 -38.49
CA ALA A 774 2.71 -19.00 -38.21
C ALA A 774 2.13 -17.85 -37.38
N THR A 775 0.99 -17.31 -37.80
CA THR A 775 0.34 -16.22 -37.06
C THR A 775 -0.02 -16.63 -35.64
N VAL A 776 -0.60 -17.83 -35.48
CA VAL A 776 -1.01 -18.30 -34.16
C VAL A 776 0.19 -18.56 -33.26
N LEU A 777 1.17 -19.32 -33.74
CA LEU A 777 2.29 -19.70 -32.88
C LEU A 777 3.19 -18.50 -32.52
N PHE A 778 3.52 -17.65 -33.49
CA PHE A 778 4.28 -16.44 -33.16
C PHE A 778 3.47 -15.45 -32.33
N GLY A 779 2.16 -15.41 -32.50
CA GLY A 779 1.33 -14.60 -31.62
C GLY A 779 1.31 -15.08 -30.18
N ILE A 780 1.18 -16.39 -30.00
CA ILE A 780 1.26 -16.99 -28.67
C ILE A 780 2.66 -16.83 -28.08
N ALA A 781 3.70 -17.08 -28.86
CA ALA A 781 5.07 -16.97 -28.38
C ALA A 781 5.43 -15.56 -27.92
N ARG A 782 5.12 -14.54 -28.73
CA ARG A 782 5.44 -13.18 -28.29
C ARG A 782 4.65 -12.78 -27.05
N SER A 783 3.39 -13.19 -26.94
CA SER A 783 2.57 -12.80 -25.79
C SER A 783 3.13 -13.37 -24.49
N LEU A 784 3.55 -14.62 -24.49
CA LEU A 784 4.20 -15.20 -23.31
C LEU A 784 5.56 -14.56 -23.02
N LEU A 785 6.35 -14.30 -24.06
CA LEU A 785 7.68 -13.72 -23.86
C LEU A 785 7.61 -12.30 -23.31
N VAL A 786 6.71 -11.47 -23.81
CA VAL A 786 6.56 -10.11 -23.28
C VAL A 786 6.10 -10.14 -21.82
N PHE A 787 5.08 -10.94 -21.52
CA PHE A 787 4.65 -11.10 -20.13
C PHE A 787 5.75 -11.67 -19.25
N TYR A 788 6.48 -12.67 -19.72
CA TYR A 788 7.54 -13.26 -18.89
C TYR A 788 8.61 -12.24 -18.51
N VAL A 789 9.16 -11.54 -19.49
CA VAL A 789 10.26 -10.62 -19.19
C VAL A 789 9.78 -9.40 -18.41
N LEU A 790 8.56 -8.93 -18.65
CA LEU A 790 8.04 -7.80 -17.88
C LEU A 790 7.61 -8.19 -16.46
N VAL A 791 7.10 -9.40 -16.26
CA VAL A 791 6.89 -9.87 -14.89
C VAL A 791 8.22 -10.09 -14.17
N ASN A 792 9.21 -10.63 -14.88
CA ASN A 792 10.56 -10.74 -14.31
C ASN A 792 11.13 -9.37 -13.98
N SER A 793 10.85 -8.37 -14.82
CA SER A 793 11.26 -6.99 -14.51
C SER A 793 10.62 -6.48 -13.22
N SER A 794 9.34 -6.79 -13.00
CA SER A 794 8.68 -6.45 -11.75
C SER A 794 9.26 -7.23 -10.56
N GLN A 795 9.86 -8.39 -10.81
CA GLN A 795 10.53 -9.12 -9.73
C GLN A 795 11.83 -8.44 -9.30
N THR A 796 12.70 -8.13 -10.26
CA THR A 796 13.99 -7.53 -9.94
C THR A 796 13.89 -6.09 -9.47
N LEU A 797 12.95 -5.32 -10.02
CA LEU A 797 12.73 -3.97 -9.50
C LEU A 797 12.19 -3.94 -8.08
N HIS A 798 11.38 -4.92 -7.67
CA HIS A 798 11.05 -5.05 -6.26
C HIS A 798 12.28 -5.38 -5.42
N ASN A 799 13.05 -6.39 -5.84
CA ASN A 799 14.20 -6.85 -5.06
C ASN A 799 15.18 -5.72 -4.79
N LYS A 800 15.54 -4.95 -5.81
CA LYS A 800 16.46 -3.84 -5.63
C LYS A 800 15.87 -2.73 -4.77
N MET A 801 14.58 -2.45 -4.94
CA MET A 801 13.91 -1.42 -4.14
C MET A 801 13.79 -1.79 -2.67
N PHE A 802 13.68 -3.07 -2.36
CA PHE A 802 13.69 -3.49 -0.95
C PHE A 802 15.07 -3.48 -0.32
N GLU A 803 16.09 -3.96 -1.03
CA GLU A 803 17.46 -3.90 -0.52
C GLU A 803 17.91 -2.47 -0.23
N SER A 804 17.63 -1.54 -1.15
CA SER A 804 18.01 -0.15 -0.93
C SER A 804 17.29 0.48 0.26
N ILE A 805 15.98 0.24 0.39
CA ILE A 805 15.24 0.75 1.55
C ILE A 805 15.75 0.13 2.84
N LEU A 806 15.95 -1.19 2.83
CA LEU A 806 16.51 -1.85 4.02
C LEU A 806 17.86 -1.26 4.41
N LYS A 807 18.71 -0.95 3.44
CA LYS A 807 19.99 -0.29 3.66
C LYS A 807 19.89 1.23 3.72
N ALA A 808 18.68 1.80 3.78
CA ALA A 808 18.58 3.25 3.96
C ALA A 808 18.90 3.66 5.40
N PRO A 809 19.40 4.87 5.61
CA PRO A 809 19.64 5.35 6.97
C PRO A 809 18.33 5.58 7.73
N VAL A 810 18.44 5.53 9.05
CA VAL A 810 17.29 5.78 9.92
C VAL A 810 16.67 7.15 9.65
N LEU A 811 17.49 8.14 9.30
CA LEU A 811 16.97 9.46 8.94
C LEU A 811 15.92 9.39 7.84
N PHE A 812 16.09 8.47 6.89
CA PHE A 812 15.10 8.28 5.83
C PHE A 812 13.74 7.89 6.40
N PHE A 813 13.72 7.00 7.39
CA PHE A 813 12.45 6.55 7.97
C PHE A 813 11.84 7.56 8.92
N ASP A 814 12.66 8.40 9.55
CA ASP A 814 12.12 9.55 10.28
C ASP A 814 11.46 10.54 9.34
N ARG A 815 12.08 10.76 8.18
CA ARG A 815 11.61 11.75 7.23
C ARG A 815 10.37 11.29 6.45
N ASN A 816 10.36 10.02 6.01
CA ASN A 816 9.26 9.58 5.13
C ASN A 816 8.20 8.82 5.92
N PRO A 817 6.94 9.22 5.79
CA PRO A 817 5.86 8.52 6.48
C PRO A 817 5.76 7.05 6.08
N ILE A 818 5.35 6.23 7.05
CA ILE A 818 5.23 4.78 6.83
C ILE A 818 4.36 4.48 5.63
N GLY A 819 3.23 5.18 5.49
CA GLY A 819 2.36 4.99 4.34
C GLY A 819 2.93 5.44 3.01
N ARG A 820 3.88 6.38 3.03
CA ARG A 820 4.55 6.75 1.79
C ARG A 820 5.50 5.65 1.30
N ILE A 821 6.07 4.88 2.20
CA ILE A 821 6.90 3.73 1.80
C ILE A 821 6.03 2.55 1.40
N LEU A 822 5.06 2.17 2.24
CA LEU A 822 4.13 1.10 1.91
C LEU A 822 3.35 1.36 0.63
N ASN A 823 3.18 2.62 0.24
CA ASN A 823 2.58 2.90 -1.06
C ASN A 823 3.39 2.29 -2.20
N ARG A 824 4.72 2.40 -2.16
CA ARG A 824 5.55 1.82 -3.21
C ARG A 824 5.42 0.31 -3.24
N PHE A 825 5.47 -0.35 -2.08
CA PHE A 825 5.39 -1.80 -2.01
C PHE A 825 4.00 -2.35 -2.31
N SER A 826 2.95 -1.59 -2.01
CA SER A 826 1.59 -2.05 -2.26
C SER A 826 1.09 -1.69 -3.66
N LYS A 827 1.02 -0.40 -3.95
CA LYS A 827 0.34 0.07 -5.17
C LYS A 827 1.25 -0.02 -6.40
N ASP A 828 2.41 0.63 -6.35
CA ASP A 828 3.25 0.72 -7.54
C ASP A 828 3.79 -0.64 -7.96
N ILE A 829 4.28 -1.44 -7.00
CA ILE A 829 4.64 -2.83 -7.30
C ILE A 829 3.43 -3.64 -7.75
N GLY A 830 2.27 -3.39 -7.15
CA GLY A 830 1.05 -4.00 -7.67
C GLY A 830 0.75 -3.64 -9.12
N HIS A 831 1.05 -2.40 -9.51
CA HIS A 831 0.91 -2.02 -10.92
C HIS A 831 1.94 -2.68 -11.81
N LEU A 832 3.20 -2.73 -11.38
CA LEU A 832 4.23 -3.41 -12.16
C LEU A 832 3.99 -4.91 -12.28
N ASP A 833 3.31 -5.50 -11.31
CA ASP A 833 2.96 -6.92 -11.38
C ASP A 833 1.83 -7.20 -12.36
N ASP A 834 0.69 -6.53 -12.19
CA ASP A 834 -0.53 -6.84 -12.93
C ASP A 834 -0.72 -5.98 -14.17
N LEU A 835 -0.74 -4.66 -14.01
CA LEU A 835 -1.36 -3.76 -14.97
C LEU A 835 -0.42 -3.30 -16.09
N LEU A 836 0.84 -3.04 -15.78
CA LEU A 836 1.79 -2.61 -16.80
C LEU A 836 2.21 -3.71 -17.79
N PRO A 837 2.50 -4.94 -17.35
CA PRO A 837 2.83 -5.98 -18.34
C PRO A 837 1.71 -6.24 -19.35
N LEU A 838 0.46 -6.20 -18.91
CA LEU A 838 -0.68 -6.26 -19.81
C LEU A 838 -0.70 -5.10 -20.79
N THR A 839 -0.76 -3.87 -20.28
CA THR A 839 -0.91 -2.70 -21.14
C THR A 839 0.30 -2.46 -22.05
N PHE A 840 1.48 -2.94 -21.67
CA PHE A 840 2.62 -2.85 -22.57
C PHE A 840 2.46 -3.78 -23.77
N LEU A 841 2.10 -5.04 -23.55
CA LEU A 841 1.83 -5.95 -24.65
C LEU A 841 0.67 -5.46 -25.51
N ASP A 842 -0.41 -5.02 -24.85
CA ASP A 842 -1.56 -4.48 -25.55
C ASP A 842 -1.17 -3.33 -26.49
N PHE A 843 -0.35 -2.41 -25.99
CA PHE A 843 0.24 -1.38 -26.84
C PHE A 843 1.10 -1.98 -27.96
N ILE A 844 2.10 -2.78 -27.59
CA ILE A 844 3.09 -3.26 -28.57
C ILE A 844 2.42 -3.97 -29.73
N GLN A 845 1.50 -4.89 -29.44
CA GLN A 845 0.84 -5.61 -30.53
C GLN A 845 -0.14 -4.74 -31.30
N THR A 846 -0.70 -3.69 -30.67
CA THR A 846 -1.47 -2.71 -31.41
C THR A 846 -0.59 -1.83 -32.31
N LEU A 847 0.59 -1.47 -31.81
CA LEU A 847 1.55 -0.70 -32.62
C LEU A 847 1.96 -1.44 -33.88
N LEU A 848 2.34 -2.71 -33.75
CA LEU A 848 2.75 -3.48 -34.92
C LEU A 848 1.61 -3.67 -35.92
N GLN A 849 0.38 -3.84 -35.44
CA GLN A 849 -0.76 -3.90 -36.36
C GLN A 849 -0.92 -2.59 -37.12
N VAL A 850 -0.85 -1.46 -36.41
CA VAL A 850 -0.91 -0.15 -37.07
C VAL A 850 0.24 0.01 -38.07
N VAL A 851 1.46 -0.29 -37.63
CA VAL A 851 2.62 -0.22 -38.53
C VAL A 851 2.40 -1.12 -39.75
N GLY A 852 1.93 -2.33 -39.53
CA GLY A 852 1.65 -3.26 -40.61
C GLY A 852 0.64 -2.78 -41.63
N VAL A 853 -0.58 -2.46 -41.18
CA VAL A 853 -1.65 -2.08 -42.09
C VAL A 853 -1.35 -0.75 -42.78
N VAL A 854 -0.72 0.18 -42.09
CA VAL A 854 -0.32 1.43 -42.73
C VAL A 854 0.70 1.17 -43.84
N SER A 855 1.61 0.22 -43.62
CA SER A 855 2.59 -0.11 -44.65
C SER A 855 1.93 -0.65 -45.91
N VAL A 856 1.00 -1.60 -45.77
CA VAL A 856 0.25 -2.06 -46.93
C VAL A 856 -0.70 -0.98 -47.42
N ALA A 857 -1.21 -0.13 -46.53
CA ALA A 857 -1.92 1.08 -46.97
C ALA A 857 -0.99 2.14 -47.56
N VAL A 858 0.27 1.81 -47.79
CA VAL A 858 1.14 2.61 -48.64
C VAL A 858 1.60 1.85 -49.88
N ALA A 859 1.47 0.52 -49.89
CA ALA A 859 1.50 -0.23 -51.14
C ALA A 859 0.18 -0.10 -51.89
N VAL A 860 -0.91 0.08 -51.17
CA VAL A 860 -2.24 0.27 -51.74
C VAL A 860 -2.65 1.72 -51.55
N ILE A 861 -3.07 2.35 -52.65
CA ILE A 861 -3.23 3.80 -52.76
C ILE A 861 -1.98 4.52 -52.28
N PRO A 862 -0.82 4.29 -52.91
CA PRO A 862 0.44 4.84 -52.37
C PRO A 862 0.44 6.36 -52.24
N TRP A 863 -0.39 7.06 -53.03
CA TRP A 863 -0.53 8.50 -52.88
C TRP A 863 -0.96 8.92 -51.48
N ILE A 864 -1.71 8.08 -50.77
CA ILE A 864 -2.28 8.47 -49.48
C ILE A 864 -1.23 8.84 -48.45
N ALA A 865 0.02 8.37 -48.62
CA ALA A 865 1.11 8.81 -47.76
C ALA A 865 1.27 10.32 -47.72
N ILE A 866 0.96 11.01 -48.81
CA ILE A 866 1.07 12.47 -48.88
C ILE A 866 0.01 13.14 -48.01
N PRO A 867 -1.29 12.79 -48.14
CA PRO A 867 -2.24 13.20 -47.10
C PRO A 867 -1.88 12.78 -45.68
N LEU A 868 -1.25 11.62 -45.50
CA LEU A 868 -1.03 11.08 -44.17
C LEU A 868 0.14 11.72 -43.43
N VAL A 869 1.18 12.17 -44.13
CA VAL A 869 2.37 12.70 -43.44
C VAL A 869 2.07 13.84 -42.46
N PRO A 870 1.18 14.80 -42.74
CA PRO A 870 0.86 15.78 -41.69
C PRO A 870 0.16 15.17 -40.48
N LEU A 871 -0.57 14.07 -40.66
CA LEU A 871 -1.25 13.41 -39.55
C LEU A 871 -0.27 12.90 -38.49
N GLY A 872 0.85 12.32 -38.92
CA GLY A 872 1.88 11.90 -37.98
C GLY A 872 2.50 13.05 -37.19
N ILE A 873 2.77 14.17 -37.87
CA ILE A 873 3.29 15.36 -37.19
C ILE A 873 2.30 15.86 -36.14
N ILE A 874 1.02 15.96 -36.50
CA ILE A 874 -0.01 16.41 -35.55
C ILE A 874 -0.10 15.47 -34.35
N PHE A 875 -0.02 14.15 -34.58
CA PHE A 875 -0.08 13.21 -33.46
C PHE A 875 1.10 13.32 -32.50
N ILE A 876 2.32 13.50 -33.00
CA ILE A 876 3.45 13.68 -32.07
C ILE A 876 3.36 15.01 -31.34
N PHE A 877 2.92 16.07 -32.02
CA PHE A 877 2.72 17.37 -31.35
C PHE A 877 1.63 17.30 -30.29
N LEU A 878 0.49 16.72 -30.63
CA LEU A 878 -0.58 16.55 -29.65
C LEU A 878 -0.18 15.63 -28.50
N ARG A 879 0.57 14.57 -28.80
CA ARG A 879 1.07 13.69 -27.73
C ARG A 879 1.94 14.44 -26.72
N ARG A 880 2.93 15.20 -27.19
CA ARG A 880 3.79 15.93 -26.26
C ARG A 880 3.01 16.98 -25.49
N TYR A 881 2.13 17.73 -26.16
CA TYR A 881 1.33 18.73 -25.47
C TYR A 881 0.43 18.09 -24.41
N PHE A 882 -0.16 16.93 -24.72
CA PHE A 882 -0.89 16.16 -23.73
C PHE A 882 0.02 15.65 -22.62
N LEU A 883 1.09 14.95 -22.99
CA LEU A 883 1.97 14.30 -22.00
C LEU A 883 2.62 15.29 -21.04
N GLU A 884 2.92 16.50 -21.50
CA GLU A 884 3.41 17.54 -20.60
C GLU A 884 2.49 17.75 -19.41
N THR A 885 1.18 17.64 -19.62
CA THR A 885 0.22 17.73 -18.53
C THR A 885 -0.15 16.38 -17.92
N SER A 886 -0.30 15.35 -18.75
CA SER A 886 -0.77 14.05 -18.25
C SER A 886 0.22 13.40 -17.27
N ARG A 887 1.52 13.53 -17.54
CA ARG A 887 2.50 12.95 -16.62
C ARG A 887 2.43 13.58 -15.23
N ASP A 888 2.28 14.91 -15.17
CA ASP A 888 2.12 15.58 -13.88
C ASP A 888 0.88 15.10 -13.15
N VAL A 889 -0.25 15.02 -13.86
CA VAL A 889 -1.49 14.52 -13.28
C VAL A 889 -1.31 13.12 -12.70
N LYS A 890 -0.59 12.25 -13.41
CA LYS A 890 -0.35 10.90 -12.91
C LYS A 890 0.62 10.86 -11.74
N ARG A 891 1.58 11.78 -11.69
CA ARG A 891 2.43 11.89 -10.50
C ARG A 891 1.67 12.45 -9.30
N LEU A 892 0.81 13.44 -9.53
CA LEU A 892 -0.09 13.92 -8.48
C LEU A 892 -1.02 12.80 -8.00
N GLU A 893 -1.60 12.05 -8.92
CA GLU A 893 -2.48 10.95 -8.56
C GLU A 893 -1.78 9.93 -7.66
N SER A 894 -0.62 9.43 -8.09
CA SER A 894 0.12 8.45 -7.30
C SER A 894 0.59 9.04 -5.97
N THR A 895 1.00 10.30 -5.94
CA THR A 895 1.48 10.91 -4.70
C THR A 895 0.34 11.12 -3.70
N THR A 896 -0.76 11.74 -4.13
CA THR A 896 -1.88 12.03 -3.24
C THR A 896 -2.57 10.79 -2.67
N ARG A 897 -2.24 9.59 -3.14
CA ARG A 897 -2.70 8.38 -2.47
C ARG A 897 -1.92 8.08 -1.19
N SER A 898 -0.65 8.42 -1.12
CA SER A 898 0.15 8.05 0.05
C SER A 898 -0.34 8.63 1.38
N PRO A 899 -0.94 9.83 1.45
CA PRO A 899 -1.58 10.24 2.72
C PRO A 899 -2.65 9.29 3.23
N VAL A 900 -3.38 8.63 2.35
CA VAL A 900 -4.41 7.68 2.78
C VAL A 900 -3.81 6.55 3.61
N PHE A 901 -2.70 5.98 3.15
CA PHE A 901 -2.09 4.84 3.84
C PHE A 901 -1.31 5.24 5.08
N SER A 902 -0.73 6.45 5.10
CA SER A 902 -0.07 6.93 6.31
C SER A 902 -1.05 7.33 7.40
N HIS A 903 -2.19 7.93 7.01
CA HIS A 903 -3.26 8.18 7.97
C HIS A 903 -3.89 6.88 8.49
N LEU A 904 -4.12 5.92 7.60
CA LEU A 904 -4.61 4.60 8.00
C LEU A 904 -3.72 3.96 9.06
N SER A 905 -2.43 3.80 8.77
CA SER A 905 -1.53 3.14 9.71
C SER A 905 -1.40 3.90 11.03
N SER A 906 -1.36 5.24 10.98
CA SER A 906 -1.34 6.02 12.22
C SER A 906 -2.61 5.81 13.05
N SER A 907 -3.77 5.80 12.41
CA SER A 907 -5.03 5.62 13.12
C SER A 907 -5.31 4.18 13.54
N LEU A 908 -4.81 3.21 12.79
CA LEU A 908 -4.88 1.81 13.23
C LEU A 908 -4.09 1.57 14.51
N GLN A 909 -2.93 2.22 14.65
CA GLN A 909 -2.23 2.21 15.94
C GLN A 909 -3.05 2.92 17.02
N GLY A 910 -3.66 4.05 16.69
CA GLY A 910 -4.40 4.88 17.61
C GLY A 910 -5.78 4.42 18.02
N LEU A 911 -6.25 3.27 17.52
CA LEU A 911 -7.66 2.92 17.63
C LEU A 911 -8.20 3.03 19.05
N TRP A 912 -7.55 2.38 20.02
CA TRP A 912 -8.07 2.46 21.38
C TRP A 912 -8.11 3.88 21.90
N THR A 913 -7.17 4.72 21.48
CA THR A 913 -7.16 6.11 21.89
C THR A 913 -8.20 6.94 21.16
N ILE A 914 -8.30 6.74 19.84
CA ILE A 914 -9.38 7.35 19.05
C ILE A 914 -10.75 6.95 19.58
N ARG A 915 -10.95 5.66 19.83
CA ARG A 915 -12.20 5.20 20.41
C ARG A 915 -12.38 5.63 21.86
N ALA A 916 -11.28 5.88 22.58
CA ALA A 916 -11.40 6.48 23.91
C ALA A 916 -12.01 7.87 23.84
N TYR A 917 -11.44 8.75 23.01
CA TYR A 917 -11.96 10.10 22.86
C TYR A 917 -13.25 10.13 22.04
N LYS A 918 -13.66 9.01 21.46
CA LYS A 918 -14.76 8.96 20.49
C LYS A 918 -14.52 9.91 19.31
N ALA A 919 -13.26 9.98 18.87
CA ALA A 919 -12.84 10.78 17.73
C ALA A 919 -13.03 10.06 16.41
N GLU A 920 -13.76 8.93 16.42
CA GLU A 920 -13.92 8.11 15.22
C GLU A 920 -14.57 8.88 14.08
N GLU A 921 -15.60 9.69 14.38
CA GLU A 921 -16.22 10.52 13.37
C GLU A 921 -15.24 11.56 12.82
N ARG A 922 -14.37 12.10 13.68
CA ARG A 922 -13.34 13.03 13.22
C ARG A 922 -12.30 12.34 12.34
N CYS A 923 -11.84 11.15 12.73
CA CYS A 923 -10.86 10.43 11.93
C CYS A 923 -11.43 9.94 10.60
N GLN A 924 -12.72 9.64 10.54
CA GLN A 924 -13.37 9.40 9.25
C GLN A 924 -13.38 10.65 8.38
N GLU A 925 -13.72 11.79 8.96
CA GLU A 925 -13.73 13.05 8.21
C GLU A 925 -12.36 13.38 7.62
N LEU A 926 -11.29 13.12 8.38
CA LEU A 926 -9.93 13.27 7.85
C LEU A 926 -9.67 12.29 6.71
N PHE A 927 -10.00 11.02 6.90
CA PHE A 927 -9.79 10.01 5.87
C PHE A 927 -10.55 10.31 4.58
N ASP A 928 -11.81 10.75 4.70
CA ASP A 928 -12.55 11.19 3.53
C ASP A 928 -11.91 12.38 2.83
N ALA A 929 -11.32 13.31 3.59
CA ALA A 929 -10.58 14.41 2.99
C ALA A 929 -9.37 13.94 2.20
N HIS A 930 -8.72 12.87 2.62
CA HIS A 930 -7.64 12.27 1.82
C HIS A 930 -8.17 11.57 0.57
N GLN A 931 -9.27 10.83 0.68
CA GLN A 931 -9.91 10.25 -0.50
C GLN A 931 -10.36 11.32 -1.50
N ASP A 932 -10.94 12.42 -1.03
CA ASP A 932 -11.35 13.49 -1.94
C ASP A 932 -10.16 14.11 -2.66
N LEU A 933 -9.06 14.37 -1.95
CA LEU A 933 -7.86 14.89 -2.61
C LEU A 933 -7.32 13.94 -3.66
N HIS A 934 -7.28 12.64 -3.38
CA HIS A 934 -6.91 11.67 -4.40
C HIS A 934 -7.93 11.60 -5.54
N SER A 935 -9.21 11.69 -5.21
CA SER A 935 -10.26 11.70 -6.24
C SER A 935 -10.16 12.91 -7.16
N GLU A 936 -9.71 14.06 -6.64
CA GLU A 936 -9.45 15.20 -7.50
C GLU A 936 -8.40 14.89 -8.57
N ALA A 937 -7.36 14.14 -8.20
CA ALA A 937 -6.32 13.76 -9.16
C ALA A 937 -6.78 12.66 -10.10
N TRP A 938 -7.51 11.66 -9.59
CA TRP A 938 -8.04 10.61 -10.47
C TRP A 938 -9.06 11.17 -11.46
N PHE A 939 -9.92 12.08 -11.01
CA PHE A 939 -10.83 12.78 -11.90
C PHE A 939 -10.09 13.46 -13.05
N LEU A 940 -9.01 14.17 -12.74
CA LEU A 940 -8.17 14.75 -13.80
C LEU A 940 -7.49 13.67 -14.64
N PHE A 941 -7.07 12.56 -14.03
CA PHE A 941 -6.46 11.48 -14.80
C PHE A 941 -7.41 10.91 -15.84
N LEU A 942 -8.62 10.54 -15.40
CA LEU A 942 -9.64 10.04 -16.33
C LEU A 942 -9.97 11.07 -17.40
N THR A 943 -10.19 12.32 -16.99
CA THR A 943 -10.66 13.34 -17.92
C THR A 943 -9.61 13.77 -18.92
N THR A 944 -8.36 13.99 -18.49
CA THR A 944 -7.31 14.36 -19.44
C THR A 944 -7.06 13.26 -20.46
N SER A 945 -7.11 11.99 -20.03
CA SER A 945 -7.07 10.88 -20.97
C SER A 945 -8.16 11.00 -22.04
N ARG A 946 -9.38 11.32 -21.63
CA ARG A 946 -10.47 11.48 -22.60
C ARG A 946 -10.35 12.74 -23.43
N TRP A 947 -9.75 13.81 -22.91
CA TRP A 947 -9.47 14.98 -23.74
C TRP A 947 -8.55 14.63 -24.90
N PHE A 948 -7.47 13.91 -24.62
CA PHE A 948 -6.55 13.45 -25.65
C PHE A 948 -7.24 12.50 -26.63
N ALA A 949 -7.93 11.49 -26.11
CA ALA A 949 -8.61 10.50 -26.94
C ALA A 949 -9.68 11.11 -27.85
N VAL A 950 -10.40 12.13 -27.39
CA VAL A 950 -11.31 12.83 -28.30
C VAL A 950 -10.56 13.58 -29.38
N ARG A 951 -9.53 14.34 -29.01
CA ARG A 951 -8.79 15.12 -29.99
C ARG A 951 -8.13 14.23 -31.04
N LEU A 952 -7.59 13.09 -30.62
CA LEU A 952 -7.10 12.10 -31.58
C LEU A 952 -8.21 11.61 -32.50
N ASP A 953 -9.32 11.13 -31.92
CA ASP A 953 -10.35 10.46 -32.72
C ASP A 953 -11.10 11.42 -33.63
N ALA A 954 -11.30 12.67 -33.18
CA ALA A 954 -11.86 13.68 -34.08
C ALA A 954 -10.96 13.93 -35.30
N ILE A 955 -9.67 14.13 -35.06
CA ILE A 955 -8.73 14.36 -36.16
C ILE A 955 -8.65 13.14 -37.09
N CYS A 956 -8.60 11.94 -36.52
CA CYS A 956 -8.54 10.73 -37.35
C CYS A 956 -9.84 10.46 -38.10
N ALA A 957 -10.99 10.58 -37.41
CA ALA A 957 -12.27 10.42 -38.09
C ALA A 957 -12.44 11.39 -39.24
N MET A 958 -12.11 12.67 -39.03
CA MET A 958 -12.11 13.64 -40.11
C MET A 958 -11.20 13.20 -41.26
N PHE A 959 -9.98 12.77 -40.94
CA PHE A 959 -9.05 12.28 -41.95
C PHE A 959 -9.62 11.10 -42.74
N VAL A 960 -9.96 10.01 -42.04
CA VAL A 960 -10.42 8.79 -42.70
C VAL A 960 -11.74 9.01 -43.44
N ILE A 961 -12.66 9.77 -42.88
CA ILE A 961 -13.93 10.00 -43.57
C ILE A 961 -13.76 10.86 -44.81
N ILE A 962 -12.78 11.78 -44.83
CA ILE A 962 -12.46 12.50 -46.06
C ILE A 962 -11.95 11.53 -47.13
N VAL A 963 -11.09 10.59 -46.73
CA VAL A 963 -10.65 9.54 -47.67
C VAL A 963 -11.83 8.72 -48.17
N ALA A 964 -12.75 8.35 -47.28
CA ALA A 964 -13.92 7.58 -47.68
C ALA A 964 -14.89 8.42 -48.51
N PHE A 965 -15.28 9.60 -48.01
CA PHE A 965 -16.20 10.45 -48.74
C PHE A 965 -15.65 10.88 -50.09
N GLY A 966 -14.32 11.01 -50.20
CA GLY A 966 -13.70 11.29 -51.49
C GLY A 966 -14.10 10.36 -52.61
N SER A 967 -14.43 9.10 -52.29
CA SER A 967 -14.93 8.18 -53.30
C SER A 967 -16.18 8.70 -53.98
N LEU A 968 -16.99 9.48 -53.28
CA LEU A 968 -18.20 10.06 -53.84
C LEU A 968 -17.92 11.27 -54.73
N ILE A 969 -16.77 11.91 -54.59
CA ILE A 969 -16.31 12.89 -55.57
C ILE A 969 -15.27 12.24 -56.48
N LEU A 970 -15.45 10.94 -56.73
CA LEU A 970 -14.67 10.19 -57.73
C LEU A 970 -13.16 10.25 -57.46
N ALA A 971 -12.78 10.05 -56.20
CA ALA A 971 -11.37 9.88 -55.85
C ALA A 971 -10.69 8.72 -56.58
N LYS A 972 -11.45 7.84 -57.25
CA LYS A 972 -10.87 6.94 -58.24
C LYS A 972 -10.07 7.67 -59.30
N THR A 973 -10.31 8.96 -59.51
CA THR A 973 -9.44 9.75 -60.38
C THR A 973 -8.06 9.95 -59.78
N LEU A 974 -7.92 9.80 -58.46
CA LEU A 974 -6.60 9.80 -57.84
C LEU A 974 -5.92 8.44 -57.92
N ASP A 975 -6.67 7.36 -57.69
CA ASP A 975 -6.18 6.02 -57.99
C ASP A 975 -7.37 5.10 -58.25
N ALA A 976 -7.42 4.54 -59.46
CA ALA A 976 -8.43 3.54 -59.80
C ALA A 976 -8.31 2.28 -58.94
N GLY A 977 -7.14 2.03 -58.34
CA GLY A 977 -6.99 0.95 -57.39
C GLY A 977 -7.92 1.03 -56.20
N GLN A 978 -8.40 2.24 -55.88
CA GLN A 978 -9.43 2.39 -54.84
C GLN A 978 -10.67 1.58 -55.17
N VAL A 979 -10.95 1.35 -56.45
CA VAL A 979 -12.14 0.60 -56.85
C VAL A 979 -11.90 -0.90 -56.72
N GLY A 980 -10.72 -1.37 -57.09
CA GLY A 980 -10.41 -2.79 -57.02
C GLY A 980 -10.08 -3.27 -55.62
N LEU A 981 -9.01 -2.76 -55.04
CA LEU A 981 -8.67 -3.05 -53.64
C LEU A 981 -9.42 -2.05 -52.76
N ALA A 982 -10.56 -2.51 -52.23
CA ALA A 982 -11.48 -1.65 -51.50
C ALA A 982 -10.81 -0.97 -50.32
N LEU A 983 -11.40 0.17 -49.92
CA LEU A 983 -10.90 0.96 -48.80
C LEU A 983 -10.69 0.09 -47.56
N SER A 984 -11.63 -0.81 -47.29
CA SER A 984 -11.43 -1.95 -46.39
C SER A 984 -10.85 -1.59 -45.03
N TYR A 985 -9.70 -2.16 -44.68
CA TYR A 985 -9.17 -2.08 -43.33
C TYR A 985 -8.96 -0.64 -42.86
N ALA A 986 -8.82 0.32 -43.77
CA ALA A 986 -8.76 1.71 -43.37
C ALA A 986 -9.98 2.15 -42.57
N LEU A 987 -11.13 1.50 -42.78
CA LEU A 987 -12.31 1.81 -41.97
C LEU A 987 -12.13 1.44 -40.50
N THR A 988 -11.31 0.42 -40.19
CA THR A 988 -10.98 0.10 -38.81
C THR A 988 -9.63 0.65 -38.39
N LEU A 989 -8.82 1.14 -39.32
CA LEU A 989 -7.68 1.98 -38.97
C LEU A 989 -8.12 3.20 -38.17
N MET A 990 -9.33 3.70 -38.44
CA MET A 990 -9.96 4.73 -37.62
C MET A 990 -10.16 4.31 -36.17
N GLY A 991 -10.03 3.01 -35.87
CA GLY A 991 -9.86 2.56 -34.50
C GLY A 991 -8.47 2.20 -34.06
N MET A 992 -7.77 1.38 -34.85
CA MET A 992 -6.46 0.86 -34.44
C MET A 992 -5.43 1.96 -34.30
N PHE A 993 -5.40 2.91 -35.24
CA PHE A 993 -4.48 4.04 -35.11
C PHE A 993 -4.73 4.82 -33.83
N GLN A 994 -5.98 4.91 -33.41
CA GLN A 994 -6.32 5.64 -32.18
C GLN A 994 -5.89 4.89 -30.93
N TRP A 995 -6.27 3.62 -30.82
CA TRP A 995 -5.88 2.81 -29.68
C TRP A 995 -4.36 2.68 -29.54
N CYS A 996 -3.62 2.67 -30.65
CA CYS A 996 -2.17 2.74 -30.56
C CYS A 996 -1.70 4.04 -29.89
N VAL A 997 -2.03 5.19 -30.48
CA VAL A 997 -1.57 6.47 -29.96
C VAL A 997 -2.17 6.77 -28.57
N ARG A 998 -3.43 6.41 -28.36
CA ARG A 998 -4.03 6.53 -27.02
C ARG A 998 -3.30 5.68 -25.98
N GLN A 999 -3.06 4.41 -26.26
CA GLN A 999 -2.42 3.55 -25.28
C GLN A 999 -0.91 3.73 -25.21
N SER A 1000 -0.29 4.25 -26.27
CA SER A 1000 1.09 4.73 -26.18
C SER A 1000 1.30 5.75 -25.07
N ALA A 1001 0.34 6.65 -24.87
CA ALA A 1001 0.40 7.59 -23.75
C ALA A 1001 0.05 6.92 -22.41
N GLU A 1002 -0.93 6.01 -22.41
CA GLU A 1002 -1.25 5.27 -21.20
C GLU A 1002 -0.03 4.52 -20.64
N VAL A 1003 0.74 3.88 -21.50
CA VAL A 1003 1.96 3.20 -21.06
C VAL A 1003 2.94 4.16 -20.38
N GLU A 1004 3.12 5.35 -20.97
CA GLU A 1004 3.99 6.34 -20.35
C GLU A 1004 3.41 6.90 -19.05
N ASN A 1005 2.09 6.97 -18.94
CA ASN A 1005 1.48 7.24 -17.65
C ASN A 1005 1.69 6.11 -16.65
N MET A 1006 1.57 4.86 -17.10
CA MET A 1006 1.80 3.73 -16.22
C MET A 1006 3.26 3.62 -15.78
N MET A 1007 4.20 3.99 -16.65
CA MET A 1007 5.63 4.07 -16.32
C MET A 1007 5.96 5.08 -15.23
N ILE A 1008 5.02 5.95 -14.84
CA ILE A 1008 5.22 6.76 -13.63
C ILE A 1008 5.38 5.89 -12.40
N SER A 1009 4.70 4.74 -12.35
CA SER A 1009 4.91 3.80 -11.25
C SER A 1009 6.28 3.13 -11.29
N VAL A 1010 6.85 2.97 -12.49
CA VAL A 1010 8.24 2.49 -12.59
C VAL A 1010 9.22 3.52 -12.02
N GLU A 1011 9.05 4.79 -12.37
CA GLU A 1011 9.88 5.85 -11.79
C GLU A 1011 9.85 5.85 -10.27
N ARG A 1012 8.68 5.70 -9.67
CA ARG A 1012 8.59 5.72 -8.21
C ARG A 1012 9.25 4.51 -7.57
N VAL A 1013 9.32 3.38 -8.29
CA VAL A 1013 10.06 2.22 -7.80
C VAL A 1013 11.56 2.40 -8.03
N ILE A 1014 11.94 2.96 -9.19
CA ILE A 1014 13.33 3.32 -9.45
C ILE A 1014 13.83 4.36 -8.45
N GLU A 1015 12.96 5.29 -8.05
CA GLU A 1015 13.36 6.33 -7.11
C GLU A 1015 13.89 5.76 -5.80
N TYR A 1016 13.18 4.81 -5.20
CA TYR A 1016 13.67 4.18 -3.99
C TYR A 1016 14.73 3.11 -4.23
N THR A 1017 14.94 2.68 -5.47
CA THR A 1017 16.16 1.97 -5.80
C THR A 1017 17.38 2.89 -5.69
N ASP A 1018 17.23 4.16 -6.08
CA ASP A 1018 18.34 5.09 -6.16
C ASP A 1018 18.48 5.98 -4.93
N LEU A 1019 17.81 5.65 -3.82
CA LEU A 1019 17.88 6.48 -2.63
C LEU A 1019 19.29 6.44 -2.02
N GLU A 1020 19.54 7.38 -1.10
CA GLU A 1020 20.82 7.48 -0.42
C GLU A 1020 21.07 6.27 0.48
N LYS A 1021 22.19 5.59 0.25
CA LYS A 1021 22.55 4.42 1.03
C LYS A 1021 23.14 4.81 2.38
N GLU A 1022 22.94 3.94 3.35
CA GLU A 1022 23.74 3.94 4.58
C GLU A 1022 25.17 3.50 4.25
N ALA A 1023 26.08 3.68 5.22
CA ALA A 1023 27.44 3.21 5.05
C ALA A 1023 27.48 1.69 4.83
N PRO A 1024 28.52 1.19 4.16
CA PRO A 1024 28.58 -0.24 3.84
C PRO A 1024 28.56 -1.14 5.06
N TRP A 1025 27.89 -2.28 4.93
CA TRP A 1025 27.80 -3.24 6.03
C TRP A 1025 29.14 -3.87 6.36
N GLU A 1026 30.00 -4.09 5.36
CA GLU A 1026 31.37 -4.54 5.61
C GLU A 1026 32.35 -3.76 4.74
N TYR A 1027 33.44 -3.29 5.36
CA TYR A 1027 34.47 -2.56 4.65
C TYR A 1027 35.52 -3.52 4.12
N GLN A 1028 36.53 -2.97 3.43
CA GLN A 1028 37.73 -3.74 3.10
C GLN A 1028 38.48 -4.17 4.36
N LYS A 1029 38.51 -3.31 5.36
CA LYS A 1029 38.96 -3.70 6.69
C LYS A 1029 37.88 -4.48 7.43
N ARG A 1030 38.31 -5.52 8.14
CA ARG A 1030 37.47 -6.23 9.10
C ARG A 1030 38.23 -6.42 10.40
N PRO A 1031 37.52 -6.47 11.51
CA PRO A 1031 38.16 -6.68 12.81
C PRO A 1031 38.78 -8.05 12.93
N PRO A 1032 39.66 -8.25 13.91
CA PRO A 1032 40.04 -9.61 14.34
C PRO A 1032 38.83 -10.45 14.66
N PRO A 1033 38.94 -11.78 14.53
CA PRO A 1033 37.75 -12.64 14.67
C PRO A 1033 37.12 -12.60 16.06
N ALA A 1034 37.87 -12.26 17.10
CA ALA A 1034 37.34 -12.08 18.44
C ALA A 1034 37.56 -10.66 18.93
N TRP A 1035 37.36 -9.70 18.03
CA TRP A 1035 37.73 -8.29 18.15
C TRP A 1035 37.47 -7.69 19.53
N PRO A 1036 36.22 -7.63 20.03
CA PRO A 1036 36.04 -7.03 21.37
C PRO A 1036 36.45 -7.98 22.49
N HIS A 1037 37.72 -8.39 22.49
CA HIS A 1037 38.21 -9.29 23.52
C HIS A 1037 38.24 -8.60 24.88
N GLU A 1038 38.51 -7.30 24.91
CA GLU A 1038 38.13 -6.42 26.01
C GLU A 1038 37.15 -5.37 25.52
N GLY A 1039 36.02 -5.25 26.20
CA GLY A 1039 34.95 -4.36 25.79
C GLY A 1039 35.20 -2.88 26.01
N VAL A 1040 36.46 -2.45 25.94
CA VAL A 1040 36.79 -1.05 26.18
C VAL A 1040 36.10 -0.16 25.15
N ILE A 1041 35.46 0.90 25.62
CA ILE A 1041 34.87 1.92 24.77
C ILE A 1041 35.47 3.26 25.15
N ILE A 1042 35.90 4.03 24.16
CA ILE A 1042 36.42 5.37 24.38
C ILE A 1042 35.68 6.35 23.48
N PHE A 1043 35.16 7.42 24.06
CA PHE A 1043 34.64 8.55 23.30
C PHE A 1043 35.64 9.68 23.39
N ASP A 1044 36.04 10.23 22.24
CA ASP A 1044 36.93 11.39 22.22
C ASP A 1044 36.23 12.58 21.56
N ASN A 1045 36.00 13.63 22.35
CA ASN A 1045 35.47 14.91 21.87
C ASN A 1045 34.22 14.78 21.02
N VAL A 1046 33.48 13.67 21.15
CA VAL A 1046 32.47 13.35 20.15
C VAL A 1046 31.21 14.15 20.42
N ASN A 1047 30.57 14.58 19.34
CA ASN A 1047 29.27 15.23 19.37
C ASN A 1047 28.41 14.62 18.28
N PHE A 1048 27.09 14.77 18.42
CA PHE A 1048 26.16 13.99 17.62
C PHE A 1048 24.94 14.83 17.26
N MET A 1049 24.40 14.57 16.08
CA MET A 1049 23.19 15.20 15.60
C MET A 1049 22.45 14.19 14.70
N TYR A 1050 21.13 14.20 14.78
CA TYR A 1050 20.35 13.20 14.06
C TYR A 1050 20.13 13.55 12.60
N SER A 1051 20.34 14.81 12.22
CA SER A 1051 20.26 15.25 10.84
C SER A 1051 21.33 16.30 10.60
N PRO A 1052 21.76 16.48 9.35
CA PRO A 1052 23.02 17.23 9.12
C PRO A 1052 22.95 18.69 9.51
N GLY A 1053 21.74 19.26 9.62
CA GLY A 1053 21.57 20.60 10.12
C GLY A 1053 20.98 20.67 11.52
N GLY A 1054 20.78 19.53 12.18
CA GLY A 1054 20.07 19.48 13.43
C GLY A 1054 20.86 20.01 14.60
N PRO A 1055 20.19 20.18 15.74
CA PRO A 1055 20.89 20.54 16.98
C PRO A 1055 21.80 19.42 17.45
N LEU A 1056 22.84 19.81 18.17
CA LEU A 1056 23.76 18.85 18.78
C LEU A 1056 23.06 18.18 19.96
N VAL A 1057 22.54 16.98 19.73
CA VAL A 1057 21.91 16.21 20.79
C VAL A 1057 22.95 15.66 21.77
N LEU A 1058 24.20 15.56 21.37
CA LEU A 1058 25.33 15.32 22.26
C LEU A 1058 26.45 16.31 21.95
N LYS A 1059 27.13 16.78 22.99
CA LYS A 1059 28.15 17.80 22.86
C LYS A 1059 29.39 17.39 23.62
N HIS A 1060 30.55 17.45 22.95
CA HIS A 1060 31.87 17.28 23.56
C HIS A 1060 31.93 16.15 24.59
N LEU A 1061 31.34 15.01 24.27
CA LEU A 1061 31.50 13.82 25.09
C LEU A 1061 32.96 13.41 25.13
N THR A 1062 33.45 13.09 26.32
CA THR A 1062 34.75 12.44 26.48
C THR A 1062 34.69 11.58 27.72
N ALA A 1063 34.66 10.26 27.52
CA ALA A 1063 34.58 9.32 28.63
C ALA A 1063 35.28 8.03 28.23
N LEU A 1064 35.89 7.38 29.23
CA LEU A 1064 36.47 6.06 29.08
C LEU A 1064 35.64 5.08 29.88
N ILE A 1065 35.21 4.01 29.23
CA ILE A 1065 34.55 2.89 29.90
C ILE A 1065 35.54 1.73 29.95
N LYS A 1066 35.94 1.37 31.17
CA LYS A 1066 36.94 0.34 31.37
C LYS A 1066 36.38 -1.03 30.99
N SER A 1067 37.29 -1.98 30.77
CA SER A 1067 36.88 -3.35 30.49
C SER A 1067 36.10 -3.93 31.66
N GLN A 1068 35.07 -4.70 31.34
CA GLN A 1068 34.09 -5.27 32.26
C GLN A 1068 33.40 -4.22 33.16
N GLU A 1069 33.55 -2.93 32.87
CA GLU A 1069 32.98 -1.89 33.71
C GLU A 1069 31.47 -1.80 33.51
N LYS A 1070 30.72 -1.81 34.61
CA LYS A 1070 29.27 -1.68 34.59
C LYS A 1070 28.93 -0.20 34.79
N VAL A 1071 28.60 0.49 33.70
CA VAL A 1071 28.42 1.93 33.73
C VAL A 1071 26.94 2.25 33.74
N GLY A 1072 26.50 3.01 34.74
CA GLY A 1072 25.16 3.57 34.75
C GLY A 1072 25.12 4.88 33.98
N ILE A 1073 24.06 5.07 33.21
CA ILE A 1073 23.85 6.30 32.46
C ILE A 1073 22.51 6.88 32.88
N VAL A 1074 22.52 8.13 33.34
CA VAL A 1074 21.40 8.74 34.05
C VAL A 1074 21.27 10.18 33.57
N GLY A 1075 20.09 10.73 33.72
CA GLY A 1075 19.80 12.10 33.34
C GLY A 1075 18.36 12.24 32.92
N ARG A 1076 17.89 13.50 32.91
CA ARG A 1076 16.49 13.78 32.63
C ARG A 1076 16.07 13.21 31.28
N THR A 1077 14.76 13.12 31.09
CA THR A 1077 14.21 12.86 29.77
C THR A 1077 14.68 13.92 28.77
N GLY A 1078 15.06 13.48 27.58
CA GLY A 1078 15.59 14.37 26.58
C GLY A 1078 17.09 14.60 26.62
N ALA A 1079 17.79 14.10 27.64
CA ALA A 1079 19.17 14.52 27.86
C ALA A 1079 20.19 13.89 26.91
N GLY A 1080 19.79 13.10 25.92
CA GLY A 1080 20.75 12.54 24.99
C GLY A 1080 21.33 11.18 25.31
N LYS A 1081 20.94 10.54 26.41
CA LYS A 1081 21.58 9.29 26.80
C LYS A 1081 21.25 8.14 25.85
N SER A 1082 20.02 8.05 25.37
CA SER A 1082 19.74 7.13 24.26
C SER A 1082 20.36 7.56 22.94
N SER A 1083 20.89 8.77 22.84
CA SER A 1083 21.64 9.16 21.65
C SER A 1083 23.08 8.67 21.68
N LEU A 1084 23.59 8.32 22.87
CA LEU A 1084 24.84 7.59 22.94
C LEU A 1084 24.77 6.29 22.16
N ILE A 1085 23.62 5.61 22.25
CA ILE A 1085 23.40 4.39 21.48
C ILE A 1085 23.44 4.67 19.98
N SER A 1086 22.76 5.72 19.53
CA SER A 1086 22.81 6.10 18.13
C SER A 1086 24.23 6.45 17.68
N ALA A 1087 25.07 6.92 18.60
CA ALA A 1087 26.48 7.11 18.27
C ALA A 1087 27.26 5.79 18.29
N LEU A 1088 27.05 4.96 19.32
CA LEU A 1088 27.76 3.69 19.38
C LEU A 1088 27.40 2.78 18.21
N PHE A 1089 26.12 2.55 17.97
CA PHE A 1089 25.70 1.78 16.82
C PHE A 1089 25.80 2.55 15.51
N ARG A 1090 26.22 3.81 15.56
CA ARG A 1090 26.46 4.63 14.37
C ARG A 1090 25.23 4.66 13.46
N LEU A 1091 24.06 4.82 14.07
CA LEU A 1091 22.82 4.94 13.30
C LEU A 1091 22.74 6.30 12.61
N SER A 1092 23.48 7.27 13.11
CA SER A 1092 23.93 8.44 12.37
C SER A 1092 25.42 8.57 12.63
N GLU A 1093 26.12 9.25 11.74
CA GLU A 1093 27.56 9.40 11.93
C GLU A 1093 27.86 10.34 13.09
N PRO A 1094 28.56 9.88 14.13
CA PRO A 1094 29.09 10.79 15.14
C PRO A 1094 30.14 11.71 14.54
N GLU A 1095 30.26 12.89 15.15
CA GLU A 1095 31.11 13.96 14.62
C GLU A 1095 32.51 13.89 15.20
N GLY A 1096 32.86 12.80 15.89
CA GLY A 1096 34.17 12.64 16.48
C GLY A 1096 34.46 11.18 16.71
N LYS A 1097 35.67 10.90 17.16
CA LYS A 1097 36.15 9.53 17.23
C LYS A 1097 35.50 8.77 18.38
N ILE A 1098 35.07 7.55 18.09
CA ILE A 1098 34.70 6.56 19.10
C ILE A 1098 35.52 5.31 18.85
N TRP A 1099 36.25 4.86 19.86
CA TRP A 1099 37.08 3.67 19.76
C TRP A 1099 36.45 2.53 20.54
N ILE A 1100 36.31 1.38 19.89
CA ILE A 1100 35.94 0.14 20.56
C ILE A 1100 37.13 -0.81 20.44
N ASP A 1101 37.65 -1.23 21.59
CA ASP A 1101 38.89 -1.99 21.70
C ASP A 1101 39.94 -1.56 20.68
N LYS A 1102 40.22 -0.26 20.67
CA LYS A 1102 41.21 0.39 19.80
C LYS A 1102 40.87 0.35 18.31
N ILE A 1103 39.62 0.10 17.91
CA ILE A 1103 39.19 0.29 16.53
C ILE A 1103 38.14 1.40 16.47
N LEU A 1104 38.33 2.34 15.55
CA LEU A 1104 37.32 3.38 15.32
C LEU A 1104 36.04 2.76 14.77
N THR A 1105 34.90 3.13 15.36
CA THR A 1105 33.62 2.69 14.83
C THR A 1105 33.32 3.27 13.45
N THR A 1106 34.04 4.31 13.04
CA THR A 1106 33.92 4.89 11.70
C THR A 1106 34.82 4.23 10.66
N GLU A 1107 35.66 3.28 11.05
CA GLU A 1107 36.55 2.57 10.14
C GLU A 1107 36.28 1.07 10.20
N ILE A 1108 35.00 0.72 10.32
CA ILE A 1108 34.54 -0.66 10.42
C ILE A 1108 33.15 -0.73 9.79
N GLY A 1109 32.84 -1.86 9.18
CA GLY A 1109 31.54 -2.01 8.55
C GLY A 1109 30.43 -2.21 9.57
N LEU A 1110 29.24 -1.75 9.20
CA LEU A 1110 28.15 -1.60 10.15
C LEU A 1110 27.67 -2.92 10.73
N HIS A 1111 27.82 -4.04 10.02
CA HIS A 1111 27.49 -5.32 10.63
C HIS A 1111 28.59 -5.84 11.55
N ASP A 1112 29.85 -5.62 11.21
CA ASP A 1112 30.91 -5.99 12.15
C ASP A 1112 30.82 -5.18 13.44
N LEU A 1113 30.40 -3.93 13.32
CA LEU A 1113 30.14 -3.10 14.50
C LEU A 1113 28.92 -3.57 15.27
N ARG A 1114 27.76 -3.63 14.62
CA ARG A 1114 26.49 -3.83 15.32
C ARG A 1114 26.26 -5.26 15.77
N LYS A 1115 26.76 -6.26 15.05
CA LYS A 1115 26.58 -7.65 15.50
C LYS A 1115 27.26 -7.91 16.83
N LYS A 1116 28.37 -7.21 17.11
CA LYS A 1116 29.21 -7.54 18.25
C LYS A 1116 28.91 -6.72 19.50
N MET A 1117 27.87 -5.89 19.47
CA MET A 1117 27.33 -5.25 20.66
C MET A 1117 25.89 -5.64 20.85
N SER A 1118 25.57 -6.27 21.98
CA SER A 1118 24.19 -6.59 22.30
C SER A 1118 23.47 -5.33 22.76
N ILE A 1119 22.17 -5.26 22.46
CA ILE A 1119 21.35 -4.14 22.87
C ILE A 1119 20.00 -4.65 23.37
N ILE A 1120 19.47 -3.97 24.38
CA ILE A 1120 18.03 -3.98 24.67
C ILE A 1120 17.52 -2.56 24.43
N PRO A 1121 16.64 -2.34 23.47
CA PRO A 1121 16.19 -0.98 23.17
C PRO A 1121 15.12 -0.50 24.14
N GLN A 1122 14.89 0.81 24.11
CA GLN A 1122 13.93 1.44 25.01
C GLN A 1122 12.51 1.00 24.73
N GLU A 1123 12.13 0.95 23.46
CA GLU A 1123 10.79 0.49 23.09
C GLU A 1123 10.86 -0.94 22.59
N PRO A 1124 10.20 -1.88 23.25
CA PRO A 1124 10.22 -3.28 22.79
C PRO A 1124 9.36 -3.42 21.54
N VAL A 1125 9.98 -3.92 20.46
CA VAL A 1125 9.26 -4.28 19.24
C VAL A 1125 9.30 -5.79 19.08
N LEU A 1126 8.14 -6.37 18.81
CA LEU A 1126 8.03 -7.79 18.52
C LEU A 1126 7.42 -7.96 17.13
N PHE A 1127 7.74 -9.08 16.50
CA PHE A 1127 7.35 -9.36 15.13
C PHE A 1127 6.32 -10.47 15.12
N THR A 1128 5.29 -10.33 14.29
CA THR A 1128 4.33 -11.41 14.12
C THR A 1128 5.00 -12.63 13.50
N GLY A 1129 4.78 -13.77 14.12
CA GLY A 1129 5.67 -14.91 13.97
C GLY A 1129 5.69 -15.72 15.25
N THR A 1130 6.43 -16.82 15.21
CA THR A 1130 6.53 -17.66 16.39
C THR A 1130 7.37 -16.97 17.45
N MET A 1131 7.31 -17.49 18.68
CA MET A 1131 8.23 -17.04 19.72
C MET A 1131 9.67 -17.37 19.36
N ARG A 1132 9.91 -18.54 18.78
CA ARG A 1132 11.21 -18.86 18.20
C ARG A 1132 11.70 -17.80 17.23
N LYS A 1133 10.85 -17.43 16.26
CA LYS A 1133 11.23 -16.39 15.31
C LYS A 1133 11.48 -15.05 15.97
N ASN A 1134 10.87 -14.79 17.13
CA ASN A 1134 11.11 -13.55 17.84
C ASN A 1134 12.34 -13.59 18.75
N LEU A 1135 12.70 -14.77 19.26
CA LEU A 1135 13.93 -14.88 20.03
C LEU A 1135 15.14 -15.13 19.16
N ASP A 1136 15.01 -15.93 18.10
CA ASP A 1136 16.16 -16.51 17.41
C ASP A 1136 15.83 -16.65 15.93
N PRO A 1137 15.91 -15.55 15.17
CA PRO A 1137 15.39 -15.57 13.79
C PRO A 1137 16.19 -16.45 12.85
N PHE A 1138 17.46 -16.71 13.14
CA PHE A 1138 18.33 -17.50 12.29
C PHE A 1138 18.36 -18.98 12.67
N ASN A 1139 17.54 -19.39 13.64
CA ASN A 1139 17.63 -20.72 14.25
C ASN A 1139 19.05 -21.01 14.72
N GLU A 1140 19.74 -19.98 15.20
CA GLU A 1140 21.14 -20.12 15.60
C GLU A 1140 21.28 -20.81 16.96
N HIS A 1141 20.20 -20.88 17.73
CA HIS A 1141 20.22 -21.45 19.07
C HIS A 1141 19.24 -22.60 19.16
N THR A 1142 19.59 -23.60 19.95
CA THR A 1142 18.65 -24.67 20.23
C THR A 1142 17.47 -24.13 21.03
N ASP A 1143 16.32 -24.77 20.87
CA ASP A 1143 15.15 -24.43 21.67
C ASP A 1143 15.41 -24.63 23.17
N GLU A 1144 16.33 -25.54 23.52
CA GLU A 1144 16.75 -25.66 24.90
C GLU A 1144 17.42 -24.39 25.42
N GLU A 1145 18.25 -23.75 24.61
CA GLU A 1145 18.79 -22.44 24.96
C GLU A 1145 17.70 -21.38 25.04
N LEU A 1146 16.71 -21.44 24.15
CA LEU A 1146 15.60 -20.50 24.22
C LEU A 1146 14.77 -20.66 25.49
N TRP A 1147 14.49 -21.90 25.89
CA TRP A 1147 13.86 -22.13 27.19
C TRP A 1147 14.73 -21.67 28.34
N ASN A 1148 16.06 -21.80 28.22
CA ASN A 1148 16.96 -21.27 29.23
C ASN A 1148 16.87 -19.75 29.33
N ALA A 1149 16.88 -19.07 28.18
CA ALA A 1149 16.72 -17.61 28.19
C ALA A 1149 15.37 -17.19 28.78
N LEU A 1150 14.28 -17.83 28.36
CA LEU A 1150 12.97 -17.52 28.93
C LEU A 1150 12.90 -17.79 30.43
N GLN A 1151 13.60 -18.82 30.92
CA GLN A 1151 13.62 -19.07 32.36
C GLN A 1151 14.36 -17.96 33.11
N GLU A 1152 15.43 -17.43 32.53
CA GLU A 1152 16.24 -16.43 33.21
C GLU A 1152 15.63 -15.03 33.17
N VAL A 1153 14.73 -14.75 32.21
CA VAL A 1153 13.82 -13.61 32.35
C VAL A 1153 12.54 -13.99 33.09
N GLN A 1154 12.45 -15.23 33.59
CA GLN A 1154 11.27 -15.81 34.27
C GLN A 1154 9.97 -15.62 33.49
N LEU A 1155 10.06 -15.52 32.18
CA LEU A 1155 8.89 -15.54 31.30
C LEU A 1155 8.46 -16.95 30.94
N LYS A 1156 9.30 -17.95 31.23
CA LYS A 1156 9.05 -19.34 30.87
C LYS A 1156 7.70 -19.85 31.37
N GLU A 1157 7.36 -19.56 32.63
CA GLU A 1157 6.07 -19.96 33.17
C GLU A 1157 4.90 -19.37 32.38
N THR A 1158 5.07 -18.19 31.78
CA THR A 1158 4.04 -17.66 30.89
C THR A 1158 3.95 -18.46 29.59
N ILE A 1159 5.08 -18.66 28.92
CA ILE A 1159 5.06 -19.34 27.62
C ILE A 1159 4.61 -20.79 27.75
N GLU A 1160 4.96 -21.45 28.86
CA GLU A 1160 4.44 -22.79 29.12
C GLU A 1160 2.91 -22.84 29.20
N ASP A 1161 2.28 -21.74 29.62
CA ASP A 1161 0.82 -21.74 29.68
C ASP A 1161 0.16 -21.50 28.33
N LEU A 1162 0.90 -20.97 27.36
CA LEU A 1162 0.31 -20.71 26.05
C LEU A 1162 0.24 -22.00 25.24
N PRO A 1163 -0.86 -22.22 24.52
CA PRO A 1163 -1.17 -23.57 24.02
C PRO A 1163 -0.10 -24.16 23.11
N GLY A 1164 0.49 -23.36 22.24
CA GLY A 1164 1.55 -23.80 21.36
C GLY A 1164 2.96 -23.57 21.86
N LYS A 1165 3.11 -23.08 23.08
CA LYS A 1165 4.41 -22.67 23.63
C LYS A 1165 5.22 -21.81 22.66
N MET A 1166 6.41 -22.30 22.31
CA MET A 1166 7.29 -21.60 21.38
C MET A 1166 6.61 -21.28 20.05
N ASP A 1167 5.63 -22.08 19.66
CA ASP A 1167 4.98 -21.95 18.37
C ASP A 1167 3.70 -21.11 18.42
N THR A 1168 3.39 -20.48 19.55
CA THR A 1168 2.28 -19.54 19.59
C THR A 1168 2.56 -18.35 18.69
N GLU A 1169 1.57 -17.99 17.88
CA GLU A 1169 1.68 -16.83 17.00
C GLU A 1169 1.50 -15.54 17.79
N LEU A 1170 2.50 -14.67 17.72
CA LEU A 1170 2.33 -13.29 18.16
C LEU A 1170 1.35 -12.57 17.25
N ALA A 1171 0.41 -11.85 17.85
CA ALA A 1171 -0.34 -10.86 17.07
C ALA A 1171 0.59 -9.74 16.65
N GLU A 1172 0.12 -8.96 15.67
CA GLU A 1172 0.94 -7.90 15.10
C GLU A 1172 1.42 -6.95 16.19
N SER A 1173 2.69 -6.55 16.10
CA SER A 1173 3.37 -5.70 17.07
C SER A 1173 3.46 -6.32 18.46
N GLY A 1174 3.21 -7.62 18.60
CA GLY A 1174 3.26 -8.27 19.89
C GLY A 1174 2.05 -8.07 20.76
N SER A 1175 0.93 -7.59 20.19
CA SER A 1175 -0.22 -7.15 20.98
C SER A 1175 -0.78 -8.24 21.89
N ASN A 1176 -0.46 -9.51 21.63
CA ASN A 1176 -0.90 -10.58 22.53
C ASN A 1176 -0.31 -10.44 23.93
N PHE A 1177 0.91 -9.91 24.04
CA PHE A 1177 1.56 -9.79 25.34
C PHE A 1177 1.30 -8.43 25.99
N SER A 1178 1.32 -8.41 27.31
CA SER A 1178 1.40 -7.17 28.04
C SER A 1178 2.71 -6.45 27.72
N VAL A 1179 2.70 -5.13 27.91
CA VAL A 1179 3.86 -4.31 27.58
C VAL A 1179 5.08 -4.69 28.42
N GLY A 1180 4.87 -5.06 29.68
CA GLY A 1180 5.96 -5.56 30.48
C GLY A 1180 6.54 -6.89 30.00
N GLN A 1181 5.68 -7.77 29.49
CA GLN A 1181 6.17 -9.01 28.88
C GLN A 1181 6.88 -8.79 27.55
N ARG A 1182 6.47 -7.79 26.77
CA ARG A 1182 7.20 -7.44 25.56
C ARG A 1182 8.63 -7.01 25.85
N GLN A 1183 8.86 -6.35 26.98
CA GLN A 1183 10.22 -6.07 27.42
C GLN A 1183 11.01 -7.32 27.78
N LEU A 1184 10.36 -8.28 28.44
CA LEU A 1184 11.05 -9.51 28.85
C LEU A 1184 11.58 -10.32 27.69
N VAL A 1185 10.85 -10.38 26.56
CA VAL A 1185 11.42 -11.06 25.39
C VAL A 1185 12.62 -10.30 24.82
N CYS A 1186 12.67 -8.98 24.97
CA CYS A 1186 13.84 -8.23 24.52
C CYS A 1186 15.08 -8.49 25.37
N LEU A 1187 14.91 -8.74 26.66
CA LEU A 1187 16.03 -9.26 27.45
C LEU A 1187 16.43 -10.66 27.02
N ALA A 1188 15.44 -11.51 26.70
CA ALA A 1188 15.76 -12.87 26.25
C ALA A 1188 16.61 -12.86 24.99
N ARG A 1189 16.28 -12.01 24.02
CA ARG A 1189 17.14 -11.81 22.86
C ARG A 1189 18.58 -11.47 23.26
N ALA A 1190 18.75 -10.44 24.09
CA ALA A 1190 20.09 -9.99 24.47
C ALA A 1190 20.87 -11.01 25.28
N ILE A 1191 20.18 -11.83 26.08
CA ILE A 1191 20.84 -12.93 26.78
C ILE A 1191 21.42 -13.93 25.79
N LEU A 1192 20.73 -14.15 24.67
CA LEU A 1192 21.21 -15.11 23.68
C LEU A 1192 22.45 -14.63 22.93
N ARG A 1193 22.59 -13.33 22.71
CA ARG A 1193 23.66 -12.85 21.83
C ARG A 1193 25.05 -13.12 22.38
N LYS A 1194 25.22 -13.10 23.70
CA LYS A 1194 26.48 -13.42 24.36
C LYS A 1194 27.65 -12.54 23.93
N ASN A 1195 27.39 -11.38 23.35
CA ASN A 1195 28.47 -10.43 23.10
C ASN A 1195 29.06 -9.92 24.41
N GLN A 1196 30.27 -9.34 24.31
CA GLN A 1196 30.88 -8.73 25.49
C GLN A 1196 30.34 -7.35 25.81
N ILE A 1197 29.94 -6.57 24.82
CA ILE A 1197 29.36 -5.25 25.07
C ILE A 1197 27.85 -5.36 25.05
N LEU A 1198 27.21 -4.92 26.13
CA LEU A 1198 25.76 -4.78 26.19
C LEU A 1198 25.38 -3.34 26.45
N ILE A 1199 24.25 -2.93 25.88
CA ILE A 1199 23.71 -1.60 26.07
C ILE A 1199 22.25 -1.77 26.49
N ILE A 1200 21.93 -1.43 27.73
CA ILE A 1200 20.64 -1.78 28.31
C ILE A 1200 19.80 -0.52 28.50
N ASP A 1201 19.04 -0.15 27.47
CA ASP A 1201 18.33 1.12 27.41
C ASP A 1201 16.97 1.04 28.12
N GLN A 1202 16.97 1.29 29.43
CA GLN A 1202 15.73 1.40 30.20
C GLN A 1202 14.88 0.12 30.16
N ALA A 1203 15.56 -1.02 30.17
CA ALA A 1203 14.97 -2.27 29.69
C ALA A 1203 13.86 -2.79 30.58
N THR A 1204 13.80 -2.35 31.84
CA THR A 1204 12.82 -2.84 32.80
C THR A 1204 11.87 -1.74 33.26
N ALA A 1205 11.80 -0.64 32.52
CA ALA A 1205 10.97 0.51 32.91
C ALA A 1205 9.54 0.09 33.20
N ASN A 1206 8.97 -0.78 32.37
CA ASN A 1206 7.61 -1.24 32.56
C ASN A 1206 7.49 -2.48 33.44
N VAL A 1207 8.61 -3.10 33.81
CA VAL A 1207 8.58 -4.27 34.68
C VAL A 1207 8.35 -3.82 36.11
N ASP A 1208 7.51 -4.57 36.84
CA ASP A 1208 7.24 -4.24 38.23
C ASP A 1208 8.49 -4.43 39.10
N PRO A 1209 8.57 -3.73 40.23
CA PRO A 1209 9.78 -3.82 41.07
C PRO A 1209 10.14 -5.22 41.55
N ARG A 1210 9.14 -6.06 41.84
CA ARG A 1210 9.43 -7.39 42.37
C ARG A 1210 9.93 -8.35 41.31
N THR A 1211 9.49 -8.20 40.06
CA THR A 1211 10.06 -8.93 38.95
C THR A 1211 11.39 -8.32 38.48
N ASP A 1212 11.48 -6.98 38.51
CA ASP A 1212 12.70 -6.30 38.11
C ASP A 1212 13.89 -6.67 39.00
N GLU A 1213 13.71 -6.73 40.32
CA GLU A 1213 14.81 -7.06 41.21
C GLU A 1213 15.37 -8.46 40.94
N LEU A 1214 14.54 -9.41 40.51
CA LEU A 1214 15.03 -10.71 40.10
C LEU A 1214 15.75 -10.66 38.76
N ILE A 1215 15.28 -9.81 37.84
CA ILE A 1215 15.99 -9.59 36.58
C ILE A 1215 17.32 -8.88 36.80
N GLN A 1216 17.36 -7.88 37.69
CA GLN A 1216 18.63 -7.23 38.00
C GLN A 1216 19.64 -8.21 38.56
N LYS A 1217 19.21 -9.06 39.49
CA LYS A 1217 20.06 -10.13 40.01
C LYS A 1217 20.61 -11.01 38.90
N LYS A 1218 19.75 -11.41 37.95
CA LYS A 1218 20.20 -12.17 36.79
C LYS A 1218 21.08 -11.37 35.84
N ILE A 1219 20.84 -10.06 35.69
CA ILE A 1219 21.71 -9.25 34.86
C ILE A 1219 23.11 -9.17 35.46
N ARG A 1220 23.21 -8.93 36.77
CA ARG A 1220 24.51 -8.94 37.43
C ARG A 1220 25.22 -10.28 37.22
N GLU A 1221 24.51 -11.39 37.42
CA GLU A 1221 25.12 -12.71 37.36
C GLU A 1221 25.43 -13.15 35.93
N LYS A 1222 24.46 -13.01 35.02
CA LYS A 1222 24.65 -13.48 33.66
C LYS A 1222 25.75 -12.72 32.93
N PHE A 1223 25.81 -11.40 33.10
CA PHE A 1223 26.69 -10.55 32.32
C PHE A 1223 27.88 -10.03 33.12
N ALA A 1224 28.31 -10.78 34.13
CA ALA A 1224 29.39 -10.33 35.00
C ALA A 1224 30.67 -10.03 34.23
N HIS A 1225 30.93 -10.75 33.13
CA HIS A 1225 32.09 -10.48 32.31
C HIS A 1225 31.89 -9.34 31.32
N CYS A 1226 30.66 -8.91 31.08
CA CYS A 1226 30.39 -7.93 30.05
C CYS A 1226 30.73 -6.51 30.55
N THR A 1227 30.97 -5.62 29.59
CA THR A 1227 30.71 -4.20 29.82
C THR A 1227 29.24 -3.90 29.57
N VAL A 1228 28.65 -3.09 30.44
CA VAL A 1228 27.20 -2.93 30.46
C VAL A 1228 26.83 -1.48 30.67
N LEU A 1229 26.41 -0.81 29.60
CA LEU A 1229 25.95 0.58 29.69
C LEU A 1229 24.47 0.52 30.06
N THR A 1230 24.21 0.40 31.35
CA THR A 1230 22.83 0.38 31.85
C THR A 1230 22.27 1.79 31.89
N ILE A 1231 21.31 2.07 31.01
CA ILE A 1231 20.62 3.34 30.98
C ILE A 1231 19.30 3.14 31.71
N ALA A 1232 19.09 3.89 32.80
CA ALA A 1232 17.84 3.70 33.53
C ALA A 1232 17.53 4.93 34.38
N HIS A 1233 16.24 5.21 34.51
CA HIS A 1233 15.74 6.18 35.47
C HIS A 1233 15.53 5.57 36.85
N ARG A 1234 15.30 4.25 36.92
CA ARG A 1234 15.25 3.53 38.19
C ARG A 1234 16.63 3.42 38.81
N LEU A 1235 16.98 4.41 39.64
CA LEU A 1235 18.33 4.50 40.20
C LEU A 1235 18.69 3.30 41.07
N ASN A 1236 17.70 2.63 41.65
CA ASN A 1236 18.00 1.40 42.39
C ASN A 1236 18.50 0.28 41.51
N THR A 1237 18.22 0.32 40.21
CA THR A 1237 18.88 -0.59 39.28
C THR A 1237 20.29 -0.10 38.94
N ILE A 1238 20.50 1.22 38.98
CA ILE A 1238 21.75 1.82 38.58
C ILE A 1238 22.77 1.84 39.73
N ILE A 1239 22.30 1.99 40.97
CA ILE A 1239 23.18 2.36 42.08
C ILE A 1239 24.30 1.35 42.32
N ASP A 1240 24.06 0.07 42.03
CA ASP A 1240 25.13 -0.93 41.98
C ASP A 1240 25.86 -0.85 40.64
N SER A 1241 26.74 0.14 40.52
CA SER A 1241 27.46 0.39 39.28
C SER A 1241 28.85 0.91 39.59
N ASP A 1242 29.78 0.66 38.66
CA ASP A 1242 31.17 1.07 38.82
C ASP A 1242 31.34 2.56 38.54
N LYS A 1243 30.61 3.11 37.58
CA LYS A 1243 30.66 4.52 37.27
C LYS A 1243 29.26 4.95 36.81
N ILE A 1244 28.87 6.16 37.20
CA ILE A 1244 27.64 6.79 36.70
C ILE A 1244 28.01 7.91 35.75
N MET A 1245 27.56 7.82 34.51
CA MET A 1245 27.51 8.98 33.63
C MET A 1245 26.23 9.75 33.90
N VAL A 1246 26.35 11.03 34.25
CA VAL A 1246 25.20 11.94 34.26
C VAL A 1246 25.38 12.95 33.13
N LEU A 1247 24.42 12.96 32.21
CA LEU A 1247 24.37 13.95 31.14
C LEU A 1247 23.06 14.70 31.23
N ASP A 1248 23.10 15.98 30.87
CA ASP A 1248 22.14 16.97 31.35
C ASP A 1248 21.44 17.71 30.22
N SER A 1249 22.14 17.97 29.13
CA SER A 1249 21.52 18.53 27.93
C SER A 1249 22.32 18.04 26.72
N GLY A 1250 22.60 16.75 26.68
CA GLY A 1250 23.54 16.18 25.74
C GLY A 1250 24.99 16.32 26.13
N ARG A 1251 25.30 17.34 26.93
CA ARG A 1251 26.63 17.47 27.49
C ARG A 1251 26.81 16.50 28.67
N LEU A 1252 27.87 15.70 28.61
CA LEU A 1252 28.31 14.97 29.80
C LEU A 1252 28.91 15.96 30.80
N LYS A 1253 28.60 15.74 32.09
CA LYS A 1253 29.19 16.59 33.12
C LYS A 1253 29.57 15.88 34.40
N GLU A 1254 29.16 14.63 34.62
CA GLU A 1254 29.64 13.83 35.74
C GLU A 1254 30.02 12.44 35.27
N TYR A 1255 31.15 11.93 35.77
CA TYR A 1255 31.57 10.55 35.51
C TYR A 1255 32.46 10.09 36.66
N ASP A 1256 31.85 9.47 37.66
CA ASP A 1256 32.55 9.05 38.86
C ASP A 1256 31.79 7.90 39.50
N GLU A 1257 32.41 7.29 40.51
CA GLU A 1257 31.71 6.29 41.31
C GLU A 1257 30.43 6.88 41.91
N PRO A 1258 29.37 6.08 42.03
CA PRO A 1258 28.10 6.63 42.54
C PRO A 1258 28.21 7.28 43.91
N TYR A 1259 28.92 6.65 44.84
CA TYR A 1259 29.12 7.24 46.16
C TYR A 1259 30.00 8.48 46.12
N VAL A 1260 30.96 8.52 45.20
CA VAL A 1260 31.80 9.71 45.03
C VAL A 1260 30.97 10.89 44.50
N LEU A 1261 29.90 10.62 43.76
CA LEU A 1261 28.91 11.65 43.48
C LEU A 1261 28.02 11.96 44.68
N LEU A 1262 27.42 10.93 45.29
CA LEU A 1262 26.47 11.18 46.37
C LEU A 1262 27.10 11.89 47.57
N GLN A 1263 28.39 11.66 47.83
CA GLN A 1263 29.03 12.41 48.90
C GLN A 1263 29.29 13.87 48.54
N ASN A 1264 29.21 14.23 47.27
CA ASN A 1264 29.21 15.63 46.83
C ASN A 1264 27.77 16.09 46.63
N LYS A 1265 27.22 16.79 47.63
CA LYS A 1265 25.82 17.18 47.62
C LYS A 1265 25.49 18.18 46.52
N GLU A 1266 26.50 18.77 45.86
CA GLU A 1266 26.26 19.60 44.70
C GLU A 1266 26.04 18.80 43.42
N SER A 1267 26.35 17.51 43.42
CA SER A 1267 26.22 16.70 42.21
C SER A 1267 24.76 16.53 41.82
N LEU A 1268 24.52 16.47 40.51
CA LEU A 1268 23.20 16.18 39.97
C LEU A 1268 22.70 14.81 40.40
N PHE A 1269 23.60 13.83 40.49
CA PHE A 1269 23.21 12.52 40.98
C PHE A 1269 22.72 12.57 42.43
N TYR A 1270 23.34 13.40 43.26
CA TYR A 1270 22.80 13.60 44.62
C TYR A 1270 21.40 14.20 44.57
N LYS A 1271 21.20 15.23 43.76
CA LYS A 1271 19.88 15.85 43.62
C LYS A 1271 18.84 14.85 43.09
N MET A 1272 19.20 14.07 42.09
CA MET A 1272 18.27 13.08 41.54
C MET A 1272 17.94 11.98 42.53
N VAL A 1273 18.93 11.50 43.29
CA VAL A 1273 18.66 10.56 44.37
C VAL A 1273 17.82 11.20 45.47
N GLN A 1274 18.08 12.48 45.77
CA GLN A 1274 17.25 13.17 46.76
C GLN A 1274 15.80 13.30 46.30
N GLN A 1275 15.57 13.55 45.01
CA GLN A 1275 14.21 13.59 44.48
C GLN A 1275 13.48 12.27 44.59
N LEU A 1276 14.20 11.16 44.77
CA LEU A 1276 13.53 9.87 44.97
C LEU A 1276 12.82 9.77 46.31
N GLY A 1277 13.15 10.65 47.26
CA GLY A 1277 12.54 10.66 48.57
C GLY A 1277 13.53 10.40 49.68
N LYS A 1278 13.05 10.63 50.91
CA LYS A 1278 13.93 10.64 52.08
C LYS A 1278 14.51 9.27 52.36
N ALA A 1279 13.66 8.28 52.63
CA ALA A 1279 14.12 6.93 52.93
C ALA A 1279 14.72 6.23 51.71
N GLU A 1280 14.23 6.55 50.52
CA GLU A 1280 14.84 6.03 49.29
C GLU A 1280 16.27 6.51 49.14
N ALA A 1281 16.50 7.82 49.25
CA ALA A 1281 17.85 8.36 49.18
C ALA A 1281 18.76 7.78 50.26
N ALA A 1282 18.23 7.57 51.46
CA ALA A 1282 19.00 6.91 52.51
C ALA A 1282 19.38 5.48 52.11
N ALA A 1283 18.41 4.72 51.59
CA ALA A 1283 18.69 3.36 51.14
C ALA A 1283 19.67 3.33 49.97
N LEU A 1284 19.50 4.22 48.99
CA LEU A 1284 20.43 4.30 47.88
C LEU A 1284 21.82 4.74 48.31
N THR A 1285 21.91 5.76 49.18
CA THR A 1285 23.20 6.19 49.69
C THR A 1285 23.89 5.12 50.52
N GLU A 1286 23.12 4.35 51.29
CA GLU A 1286 23.69 3.22 52.02
C GLU A 1286 24.29 2.17 51.08
N THR A 1287 23.51 1.68 50.13
CA THR A 1287 24.03 0.66 49.22
C THR A 1287 25.09 1.20 48.28
N ALA A 1288 25.08 2.50 47.98
CA ALA A 1288 26.20 3.12 47.28
C ALA A 1288 27.48 3.03 48.11
N LYS A 1289 27.39 3.30 49.40
CA LYS A 1289 28.51 3.08 50.30
C LYS A 1289 28.97 1.63 50.31
N GLN A 1290 28.02 0.69 50.36
CA GLN A 1290 28.36 -0.73 50.36
C GLN A 1290 29.13 -1.14 49.11
N VAL A 1291 28.70 -0.68 47.94
CA VAL A 1291 29.45 -0.99 46.71
C VAL A 1291 30.74 -0.19 46.64
N TYR A 1292 30.80 0.98 47.27
CA TYR A 1292 32.02 1.78 47.20
C TYR A 1292 33.10 1.27 48.15
N PHE A 1293 32.73 0.91 49.38
CA PHE A 1293 33.67 0.36 50.34
C PHE A 1293 33.93 -1.10 50.00
N LYS A 1294 34.91 -1.32 49.14
CA LYS A 1294 35.35 -2.67 48.79
C LYS A 1294 36.83 -2.67 48.40
PG ATP B . 13.94 9.87 27.62
O1G ATP B . 14.37 9.69 29.04
O2G ATP B . 12.76 10.74 27.39
O3G ATP B . 13.88 8.56 26.88
PB ATP B . 16.50 10.20 26.39
O1B ATP B . 17.60 10.63 27.27
O2B ATP B . 16.70 8.88 25.74
O3B ATP B . 15.11 10.64 26.82
PA ATP B . 17.21 10.90 23.74
O1A ATP B . 16.13 10.57 22.76
O2A ATP B . 18.62 10.74 23.35
O3A ATP B . 16.84 11.24 25.19
O5' ATP B . 17.08 12.32 23.16
C5' ATP B . 16.51 13.33 22.77
C4' ATP B . 16.91 14.60 22.09
O4' ATP B . 17.06 14.22 20.75
C3' ATP B . 15.44 15.04 22.38
O3' ATP B . 15.34 16.38 22.72
C2' ATP B . 14.71 14.57 21.09
O2' ATP B . 13.95 15.66 20.64
C1' ATP B . 15.88 14.36 20.08
N9 ATP B . 15.70 13.15 19.27
C8 ATP B . 15.54 11.82 19.69
N7 ATP B . 15.41 10.98 18.66
C5 ATP B . 15.49 11.81 17.55
C6 ATP B . 15.44 11.62 16.18
N6 ATP B . 15.26 10.36 15.68
N1 ATP B . 15.56 12.64 15.28
C2 ATP B . 15.73 13.87 15.79
N3 ATP B . 15.81 14.23 17.08
C4 ATP B . 15.68 13.15 17.91
PG ATP C . 2.32 -4.83 32.34
O1G ATP C . 2.68 -5.16 30.92
O2G ATP C . 3.31 -5.25 33.36
O3G ATP C . 1.90 -3.40 32.47
PB ATP C . -0.51 -5.28 32.64
O1B ATP C . -0.85 -4.39 31.51
O2B ATP C . -1.34 -5.08 33.85
O3B ATP C . 0.99 -5.63 32.76
PA ATP C . -2.27 -6.71 30.97
O1A ATP C . -1.90 -6.63 29.53
O2A ATP C . -3.70 -6.54 31.36
O3A ATP C . -1.19 -6.63 32.05
O5' ATP C . -2.37 -8.23 30.78
C5' ATP C . -2.02 -9.37 30.50
C4' ATP C . -2.65 -10.65 30.12
O4' ATP C . -3.49 -10.29 29.06
C3' ATP C . -1.23 -11.01 29.60
O3' ATP C . -0.77 -12.22 30.06
C2' ATP C . -1.37 -10.79 28.08
O2' ATP C . -1.02 -11.99 27.48
C1' ATP C . -2.90 -10.58 27.86
N9 ATP C . -3.17 -9.47 26.95
C8 ATP C . -2.89 -8.10 27.10
N7 ATP C . -3.28 -7.37 26.05
C5 ATP C . -3.83 -8.32 25.20
C6 ATP C . -4.41 -8.27 23.94
N6 ATP C . -4.54 -7.07 23.29
N1 ATP C . -4.88 -9.38 23.30
C2 ATP C . -4.75 -10.56 23.96
N3 ATP C . -4.21 -10.77 25.17
C4 ATP C . -3.76 -9.62 25.74
MG MG D . 0.82 -3.58 30.92
MG MG E . 15.77 6.81 25.72
#